data_4FIN
#
_entry.id   4FIN
#
_cell.length_a   45.363
_cell.length_b   233.474
_cell.length_c   54.089
_cell.angle_alpha   90.00
_cell.angle_beta   91.29
_cell.angle_gamma   90.00
#
_symmetry.space_group_name_H-M   'P 1 21 1'
#
loop_
_entity.id
_entity.type
_entity.pdbx_description
1 polymer 'EttA (YjjK) ABCF family protein'
2 non-polymer 'SULFATE ION'
3 non-polymer 'CITRIC ACID'
4 non-polymer 'TRIETHYLENE GLYCOL'
5 non-polymer GLYCEROL
6 water water
#
_entity_poly.entity_id   1
_entity_poly.type   'polypeptide(L)'
_entity_poly.pdbx_seq_one_letter_code
;(MSE)AQFVYT(MSE)HRVGKVVPPKRHILKNISLSFFPGAKIGVLGLNGAGKSTLLRI(MSE)AGIDKDIEGEARPQPD
IKIGYLPQEPQLNPEHTVRESIEEAVSEVVNALKRLDEVYALYADPDADFDKLAAEQGRLEEIIQAHDGHNLNVQLERAA
DALRLPDWDAKIANLSGGERRRVALCRLLLEKPD(MSE)LLLDEPTNHLDAESVAWLERFLHDFEGTVVAITHDRYFLDN
VAGWILELDRGEGIPWEGNYSSWLEQKDQRLAQEASQEAARRKSIEKELEWVRQGTKGRQSKGKARLARFEELNSTEYQK
RNETNELFIPPGPRLGDKVLEVSNLRKSYGDRLLIDDLSFSIPKGAIVGIIGPNGAGKSTLFR(MSE)ISGQEQPDSGTI
TLGETVKLASVDQFRDS(MSE)DNSKTVWEEVSGGLDI(MSE)KIGNTE(MSE)PSRAYVGRFNFKGVDQGKRVGELSGG
ERGRLHLAKLLQVGGN(MSE)LLLDEPTNDLDIETLRALENALLEFPGCA(MSE)VISHDRWFLDRIATHILDYQDEGKV
EFFEGNFTEYEEYKKRTLGADALEPKRIKYKRIAK
;
_entity_poly.pdbx_strand_id   A,B
#
# COMPACT_ATOMS: atom_id res chain seq x y z
N ALA A 2 -30.70 -8.51 21.64
CA ALA A 2 -30.03 -9.79 21.43
C ALA A 2 -29.73 -10.06 19.94
N GLN A 3 -30.14 -9.13 19.08
CA GLN A 3 -29.96 -9.29 17.63
C GLN A 3 -28.49 -9.35 17.26
N PHE A 4 -27.66 -8.68 18.05
CA PHE A 4 -26.22 -8.73 17.87
C PHE A 4 -25.59 -9.34 19.13
N VAL A 5 -24.66 -10.26 18.94
CA VAL A 5 -23.94 -10.84 20.07
C VAL A 5 -22.77 -9.93 20.44
N TYR A 6 -22.36 -9.07 19.52
CA TYR A 6 -21.30 -8.09 19.78
C TYR A 6 -21.31 -6.96 18.75
N THR A 7 -21.00 -5.75 19.18
CA THR A 7 -20.97 -4.60 18.27
C THR A 7 -19.76 -3.73 18.54
N HIS A 9 -18.16 0.18 17.28
CA HIS A 9 -18.37 1.40 16.51
C HIS A 9 -17.12 2.26 16.57
N ARG A 10 -16.41 2.35 15.45
CA ARG A 10 -15.25 3.22 15.33
C ARG A 10 -14.22 2.86 16.41
N VAL A 11 -14.00 1.56 16.57
CA VAL A 11 -13.09 1.07 17.58
C VAL A 11 -11.65 1.21 17.11
N GLY A 12 -10.78 1.69 18.00
CA GLY A 12 -9.38 1.83 17.68
C GLY A 12 -8.52 1.55 18.90
N LYS A 13 -7.21 1.41 18.67
CA LYS A 13 -6.28 1.15 19.76
C LYS A 13 -4.96 1.79 19.43
N VAL A 14 -4.57 2.76 20.23
CA VAL A 14 -3.30 3.45 20.02
C VAL A 14 -2.24 2.87 20.93
N VAL A 15 -1.09 2.51 20.35
CA VAL A 15 0.08 2.11 21.14
C VAL A 15 1.23 3.09 20.90
N PRO A 16 1.83 3.59 21.98
CA PRO A 16 2.92 4.58 21.94
C PRO A 16 4.05 4.16 21.00
N PRO A 17 4.60 5.09 20.19
CA PRO A 17 4.43 6.54 20.15
C PRO A 17 3.00 6.99 19.90
N LYS A 18 2.47 6.70 18.72
CA LYS A 18 1.12 7.10 18.38
C LYS A 18 0.55 6.11 17.36
N ARG A 19 1.27 5.01 17.17
CA ARG A 19 0.84 3.94 16.28
C ARG A 19 -0.56 3.45 16.63
N HIS A 20 -1.41 3.33 15.62
CA HIS A 20 -2.68 2.64 15.79
C HIS A 20 -2.51 1.22 15.31
N ILE A 21 -2.78 0.27 16.20
CA ILE A 21 -2.80 -1.12 15.77
C ILE A 21 -4.19 -1.45 15.18
N LEU A 22 -5.21 -0.69 15.58
CA LEU A 22 -6.55 -0.81 15.01
C LEU A 22 -7.15 0.58 14.80
N LYS A 23 -7.97 0.74 13.77
CA LYS A 23 -8.57 2.04 13.50
C LYS A 23 -9.91 1.91 12.80
N ASN A 24 -10.87 2.73 13.22
CA ASN A 24 -12.18 2.83 12.60
C ASN A 24 -12.88 1.49 12.42
N ILE A 25 -12.79 0.64 13.43
CA ILE A 25 -13.40 -0.67 13.37
C ILE A 25 -14.90 -0.57 13.70
N SER A 26 -15.75 -0.71 12.68
CA SER A 26 -17.19 -0.73 12.88
C SER A 26 -17.80 -2.02 12.34
N LEU A 27 -18.16 -2.94 13.24
CA LEU A 27 -18.59 -4.28 12.88
C LEU A 27 -19.71 -4.75 13.78
N SER A 28 -20.61 -5.57 13.23
CA SER A 28 -21.66 -6.20 13.99
C SER A 28 -21.45 -7.70 13.95
N PHE A 29 -21.67 -8.34 15.08
CA PHE A 29 -21.49 -9.78 15.20
C PHE A 29 -22.84 -10.46 15.49
N PHE A 30 -23.11 -11.57 14.82
CA PHE A 30 -24.40 -12.21 14.97
C PHE A 30 -24.29 -13.49 15.77
N PRO A 31 -25.30 -13.77 16.61
CA PRO A 31 -25.29 -14.97 17.44
C PRO A 31 -25.27 -16.22 16.56
N GLY A 32 -24.33 -17.11 16.80
CA GLY A 32 -24.23 -18.34 16.02
C GLY A 32 -23.26 -18.22 14.86
N ALA A 33 -22.78 -17.01 14.59
CA ALA A 33 -21.86 -16.81 13.48
C ALA A 33 -20.51 -17.48 13.80
N LYS A 34 -19.90 -18.06 12.77
CA LYS A 34 -18.57 -18.66 12.90
C LYS A 34 -17.61 -17.86 12.03
N ILE A 35 -16.73 -17.12 12.68
CA ILE A 35 -15.85 -16.17 11.98
C ILE A 35 -14.36 -16.53 12.16
N GLY A 36 -13.62 -16.57 11.05
CA GLY A 36 -12.19 -16.74 11.13
C GLY A 36 -11.50 -15.39 11.01
N VAL A 37 -10.58 -15.11 11.94
CA VAL A 37 -9.84 -13.84 11.91
C VAL A 37 -8.49 -13.99 11.20
N LEU A 38 -8.35 -13.35 10.04
CA LEU A 38 -7.13 -13.38 9.24
C LEU A 38 -6.38 -12.06 9.29
N GLY A 39 -5.14 -12.08 8.80
CA GLY A 39 -4.32 -10.90 8.76
C GLY A 39 -2.87 -11.18 9.10
N LEU A 40 -1.98 -10.36 8.56
CA LEU A 40 -0.55 -10.52 8.79
C LEU A 40 -0.23 -10.26 10.25
N ASN A 41 0.95 -10.71 10.68
CA ASN A 41 1.39 -10.40 12.02
C ASN A 41 1.48 -8.89 12.20
N GLY A 42 0.90 -8.39 13.28
CA GLY A 42 0.85 -6.95 13.51
C GLY A 42 -0.43 -6.27 13.02
N ALA A 43 -1.34 -7.03 12.42
CA ALA A 43 -2.56 -6.41 11.92
C ALA A 43 -3.56 -6.11 13.03
N GLY A 44 -3.25 -6.54 14.25
CA GLY A 44 -4.09 -6.29 15.40
C GLY A 44 -5.12 -7.37 15.70
N LYS A 45 -4.93 -8.56 15.12
CA LYS A 45 -5.85 -9.68 15.35
C LYS A 45 -6.05 -10.00 16.83
N SER A 46 -4.95 -10.15 17.56
CA SER A 46 -4.98 -10.48 18.97
C SER A 46 -5.59 -9.37 19.82
N THR A 47 -5.21 -8.12 19.56
CA THR A 47 -5.79 -6.97 20.25
C THR A 47 -7.32 -6.99 20.11
N LEU A 48 -7.79 -7.23 18.89
CA LEU A 48 -9.22 -7.32 18.61
C LEU A 48 -9.94 -8.34 19.48
N LEU A 49 -9.36 -9.52 19.68
CA LEU A 49 -9.99 -10.52 20.55
C LEU A 49 -9.97 -10.12 22.02
N ARG A 50 -8.91 -9.42 22.44
CA ARG A 50 -8.80 -8.96 23.81
C ARG A 50 -9.90 -7.95 24.14
N ILE A 51 -10.27 -7.17 23.13
CA ILE A 51 -11.30 -6.16 23.28
C ILE A 51 -12.65 -6.84 23.42
N ALA A 53 -13.13 -9.68 24.49
CA ALA A 53 -13.09 -10.40 25.74
C ALA A 53 -13.51 -9.50 26.88
N GLY A 54 -13.30 -8.19 26.72
CA GLY A 54 -13.57 -7.24 27.79
C GLY A 54 -12.31 -7.01 28.60
N ILE A 55 -11.20 -7.57 28.14
CA ILE A 55 -9.92 -7.39 28.80
C ILE A 55 -9.32 -6.01 28.49
N ASP A 56 -9.35 -5.62 27.22
CA ASP A 56 -8.79 -4.33 26.84
C ASP A 56 -9.88 -3.27 26.69
N LYS A 57 -9.96 -2.36 27.65
CA LYS A 57 -10.99 -1.33 27.66
C LYS A 57 -10.43 0.03 27.25
N ASP A 58 -9.11 0.13 27.13
CA ASP A 58 -8.49 1.40 26.78
C ASP A 58 -8.47 1.62 25.26
N ILE A 59 -9.64 1.95 24.72
CA ILE A 59 -9.82 2.00 23.28
C ILE A 59 -10.45 3.32 22.84
N GLU A 60 -10.55 3.51 21.54
CA GLU A 60 -11.39 4.56 20.99
C GLU A 60 -12.70 3.89 20.63
N GLY A 61 -13.73 4.70 20.37
CA GLY A 61 -15.04 4.19 19.99
C GLY A 61 -15.66 3.33 21.07
N GLU A 62 -16.71 2.60 20.70
CA GLU A 62 -17.51 1.84 21.66
C GLU A 62 -17.61 0.37 21.30
N ALA A 63 -17.29 -0.49 22.26
CA ALA A 63 -17.35 -1.93 22.03
C ALA A 63 -18.28 -2.62 23.03
N ARG A 64 -19.45 -3.04 22.54
CA ARG A 64 -20.49 -3.60 23.40
C ARG A 64 -20.82 -5.06 23.08
N PRO A 65 -20.76 -5.93 24.11
CA PRO A 65 -21.25 -7.30 23.94
C PRO A 65 -22.74 -7.34 24.20
N GLN A 66 -23.41 -8.36 23.70
CA GLN A 66 -24.79 -8.61 24.11
C GLN A 66 -24.79 -8.70 25.64
N PRO A 67 -25.78 -8.08 26.28
CA PRO A 67 -25.90 -8.08 27.75
C PRO A 67 -26.18 -9.48 28.32
N ASP A 68 -25.49 -9.81 29.42
CA ASP A 68 -25.75 -11.03 30.18
C ASP A 68 -25.46 -12.32 29.42
N ILE A 69 -24.34 -12.38 28.72
CA ILE A 69 -23.96 -13.61 28.06
C ILE A 69 -22.65 -14.13 28.63
N LYS A 70 -22.39 -15.41 28.37
CA LYS A 70 -21.13 -16.02 28.79
C LYS A 70 -20.12 -15.88 27.67
N ILE A 71 -19.00 -15.24 27.95
CA ILE A 71 -17.93 -15.17 26.98
C ILE A 71 -16.70 -15.95 27.43
N GLY A 72 -16.26 -16.87 26.58
CA GLY A 72 -15.05 -17.65 26.82
C GLY A 72 -13.91 -17.14 25.96
N TYR A 73 -12.72 -17.05 26.53
CA TYR A 73 -11.59 -16.48 25.81
C TYR A 73 -10.31 -17.32 25.94
N LEU A 74 -9.66 -17.59 24.82
CA LEU A 74 -8.43 -18.36 24.83
C LEU A 74 -7.26 -17.52 24.33
N PRO A 75 -6.43 -17.01 25.26
CA PRO A 75 -5.24 -16.24 24.88
C PRO A 75 -4.22 -17.18 24.25
N GLN A 76 -3.20 -16.67 23.56
CA GLN A 76 -2.22 -17.53 22.92
C GLN A 76 -1.45 -18.34 23.94
N GLU A 77 -1.36 -17.77 25.14
CA GLU A 77 -0.54 -18.31 26.21
C GLU A 77 -1.45 -18.46 27.42
N PRO A 78 -1.75 -19.70 27.80
CA PRO A 78 -2.75 -20.01 28.83
C PRO A 78 -2.46 -19.39 30.19
N GLN A 79 -3.53 -19.07 30.91
CA GLN A 79 -3.41 -18.50 32.25
C GLN A 79 -4.05 -19.45 33.25
N LEU A 80 -3.23 -20.30 33.88
CA LEU A 80 -3.75 -21.27 34.83
C LEU A 80 -3.14 -21.08 36.22
N ASN A 81 -3.74 -21.72 37.22
CA ASN A 81 -3.23 -21.62 38.57
C ASN A 81 -2.22 -22.72 38.81
N PRO A 82 -0.93 -22.35 38.87
CA PRO A 82 0.18 -23.30 38.94
C PRO A 82 0.05 -24.26 40.11
N GLU A 83 -0.75 -23.87 41.10
CA GLU A 83 -0.93 -24.69 42.30
C GLU A 83 -2.03 -25.73 42.11
N HIS A 84 -3.05 -25.38 41.31
CA HIS A 84 -4.16 -26.29 41.08
C HIS A 84 -3.70 -27.56 40.37
N THR A 85 -4.50 -28.61 40.50
CA THR A 85 -4.26 -29.81 39.71
C THR A 85 -5.03 -29.68 38.42
N VAL A 86 -4.79 -30.61 37.50
CA VAL A 86 -5.59 -30.70 36.28
C VAL A 86 -7.06 -30.90 36.64
N ARG A 87 -7.32 -31.82 37.57
CA ARG A 87 -8.67 -32.08 38.05
C ARG A 87 -9.37 -30.80 38.53
N GLU A 88 -8.68 -30.03 39.35
CA GLU A 88 -9.23 -28.82 39.93
C GLU A 88 -9.49 -27.73 38.87
N SER A 89 -8.58 -27.60 37.90
CA SER A 89 -8.73 -26.60 36.85
C SER A 89 -9.93 -26.94 35.98
N ILE A 90 -10.13 -28.22 35.72
CA ILE A 90 -11.25 -28.66 34.91
C ILE A 90 -12.56 -28.49 35.67
N GLU A 91 -12.53 -28.86 36.95
CA GLU A 91 -13.72 -28.76 37.77
C GLU A 91 -14.22 -27.32 37.90
N GLU A 92 -13.32 -26.33 37.81
CA GLU A 92 -13.74 -24.93 37.81
C GLU A 92 -14.66 -24.58 36.66
N ALA A 93 -14.49 -25.28 35.53
CA ALA A 93 -15.29 -25.03 34.33
C ALA A 93 -16.73 -25.48 34.50
N VAL A 94 -16.91 -26.57 35.26
CA VAL A 94 -18.24 -27.13 35.51
C VAL A 94 -18.75 -26.80 36.92
N SER A 95 -18.38 -25.63 37.43
CA SER A 95 -18.80 -25.19 38.75
C SER A 95 -20.31 -25.04 38.81
N GLU A 96 -20.88 -24.54 37.73
CA GLU A 96 -22.31 -24.30 37.64
C GLU A 96 -23.08 -25.56 37.94
N VAL A 97 -22.59 -26.68 37.42
CA VAL A 97 -23.30 -27.94 37.56
C VAL A 97 -22.97 -28.62 38.89
N VAL A 98 -21.73 -28.48 39.34
CA VAL A 98 -21.33 -29.00 40.63
C VAL A 98 -22.16 -28.34 41.74
N ASN A 99 -22.31 -27.02 41.65
CA ASN A 99 -23.14 -26.29 42.61
C ASN A 99 -24.60 -26.74 42.60
N ALA A 100 -25.09 -27.10 41.42
CA ALA A 100 -26.44 -27.64 41.28
C ALA A 100 -26.55 -28.89 42.13
N LEU A 101 -25.63 -29.83 41.89
CA LEU A 101 -25.63 -31.10 42.60
C LEU A 101 -25.57 -30.90 44.11
N LYS A 102 -24.82 -29.91 44.56
CA LYS A 102 -24.70 -29.65 45.97
C LYS A 102 -26.02 -29.13 46.50
N ARG A 103 -26.64 -28.22 45.75
CA ARG A 103 -27.95 -27.67 46.12
C ARG A 103 -29.03 -28.74 46.06
N LEU A 104 -28.92 -29.65 45.11
CA LEU A 104 -29.91 -30.68 44.93
C LEU A 104 -29.91 -31.66 46.10
N ASP A 105 -28.73 -31.90 46.66
CA ASP A 105 -28.61 -32.78 47.82
C ASP A 105 -29.18 -32.09 49.05
N GLU A 106 -29.14 -30.76 49.04
CA GLU A 106 -29.73 -29.98 50.12
C GLU A 106 -31.25 -30.08 50.03
N VAL A 107 -31.76 -29.87 48.82
CA VAL A 107 -33.21 -29.94 48.56
C VAL A 107 -33.74 -31.30 49.00
N TYR A 108 -33.04 -32.35 48.60
CA TYR A 108 -33.40 -33.71 48.98
C TYR A 108 -33.36 -33.92 50.51
N ALA A 109 -32.42 -33.25 51.17
CA ALA A 109 -32.28 -33.36 52.63
C ALA A 109 -33.31 -32.53 53.36
N LEU A 110 -33.91 -31.59 52.63
CA LEU A 110 -34.91 -30.69 53.19
C LEU A 110 -36.27 -31.38 53.25
N TYR A 111 -36.45 -32.41 52.43
CA TYR A 111 -37.71 -33.17 52.42
C TYR A 111 -38.02 -33.79 53.79
N ALA A 112 -36.99 -34.03 54.59
CA ALA A 112 -37.17 -34.66 55.90
C ALA A 112 -37.53 -33.67 57.00
N ASP A 113 -37.52 -32.38 56.70
CA ASP A 113 -37.93 -31.38 57.69
C ASP A 113 -39.39 -31.01 57.53
N PRO A 114 -40.15 -31.06 58.65
CA PRO A 114 -41.59 -30.84 58.62
C PRO A 114 -41.95 -29.38 58.37
N ASP A 115 -40.98 -28.49 58.49
CA ASP A 115 -41.24 -27.07 58.21
C ASP A 115 -40.94 -26.72 56.76
N ALA A 116 -40.44 -27.67 55.98
CA ALA A 116 -40.13 -27.44 54.57
C ALA A 116 -41.40 -27.44 53.73
N ASP A 117 -41.39 -26.68 52.63
CA ASP A 117 -42.54 -26.58 51.75
C ASP A 117 -42.39 -27.47 50.52
N PHE A 118 -43.11 -28.59 50.49
CA PHE A 118 -43.03 -29.57 49.39
C PHE A 118 -43.01 -28.92 48.02
N ASP A 119 -43.95 -28.02 47.79
CA ASP A 119 -44.10 -27.40 46.48
C ASP A 119 -42.82 -26.69 46.08
N LYS A 120 -42.23 -25.95 47.01
CA LYS A 120 -41.02 -25.18 46.73
C LYS A 120 -39.82 -26.08 46.52
N LEU A 121 -39.76 -27.17 47.28
CA LEU A 121 -38.71 -28.16 47.11
C LEU A 121 -38.79 -28.81 45.72
N ALA A 122 -39.93 -29.44 45.44
CA ALA A 122 -40.19 -30.10 44.17
C ALA A 122 -40.01 -29.16 42.99
N ALA A 123 -40.46 -27.92 43.13
CA ALA A 123 -40.31 -26.94 42.05
C ALA A 123 -38.84 -26.62 41.80
N GLU A 124 -38.08 -26.43 42.88
CA GLU A 124 -36.66 -26.09 42.74
C GLU A 124 -35.86 -27.28 42.24
N GLN A 125 -36.15 -28.45 42.81
CA GLN A 125 -35.60 -29.70 42.33
C GLN A 125 -35.88 -29.85 40.83
N GLY A 126 -37.08 -29.41 40.40
CA GLY A 126 -37.44 -29.40 39.00
C GLY A 126 -36.64 -28.38 38.20
N ARG A 127 -36.36 -27.23 38.83
CA ARG A 127 -35.57 -26.19 38.18
C ARG A 127 -34.09 -26.56 38.15
N LEU A 128 -33.70 -27.46 39.06
CA LEU A 128 -32.33 -27.94 39.12
C LEU A 128 -32.11 -29.02 38.06
N GLU A 129 -33.09 -29.90 37.91
CA GLU A 129 -33.03 -30.95 36.90
C GLU A 129 -33.15 -30.36 35.50
N GLU A 130 -33.77 -29.19 35.40
CA GLU A 130 -33.88 -28.47 34.14
C GLU A 130 -32.54 -27.90 33.71
N ILE A 131 -31.68 -27.59 34.69
CA ILE A 131 -30.36 -27.05 34.40
C ILE A 131 -29.46 -28.15 33.84
N ILE A 132 -29.51 -29.32 34.45
CA ILE A 132 -28.69 -30.45 33.99
C ILE A 132 -29.10 -30.86 32.57
N GLN A 133 -28.21 -30.54 31.63
CA GLN A 133 -28.38 -30.84 30.22
C GLN A 133 -27.08 -30.54 29.49
N LEU A 140 -21.55 -36.80 34.35
CA LEU A 140 -20.64 -35.67 34.48
C LEU A 140 -19.22 -36.17 34.51
N ASN A 141 -18.88 -36.92 35.56
CA ASN A 141 -17.55 -37.53 35.71
C ASN A 141 -17.12 -38.32 34.48
N VAL A 142 -18.11 -38.81 33.73
CA VAL A 142 -17.88 -39.56 32.51
C VAL A 142 -17.69 -38.59 31.33
N GLN A 143 -18.41 -37.47 31.38
CA GLN A 143 -18.28 -36.40 30.39
C GLN A 143 -16.87 -35.79 30.45
N LEU A 144 -16.39 -35.58 31.66
CA LEU A 144 -15.05 -35.04 31.90
C LEU A 144 -13.99 -35.98 31.36
N GLU A 145 -14.20 -37.27 31.55
CA GLU A 145 -13.27 -38.27 31.06
C GLU A 145 -13.30 -38.25 29.55
N ARG A 146 -14.50 -38.08 29.01
CA ARG A 146 -14.71 -38.06 27.57
C ARG A 146 -14.00 -36.85 26.97
N ALA A 147 -14.13 -35.71 27.63
CA ALA A 147 -13.51 -34.47 27.16
C ALA A 147 -12.00 -34.57 27.28
N ALA A 148 -11.55 -35.13 28.40
CA ALA A 148 -10.13 -35.28 28.71
C ALA A 148 -9.42 -36.13 27.68
N ASP A 149 -10.07 -37.22 27.27
CA ASP A 149 -9.52 -38.07 26.22
C ASP A 149 -9.43 -37.28 24.92
N ALA A 150 -10.53 -36.65 24.54
CA ALA A 150 -10.62 -35.90 23.28
C ALA A 150 -9.43 -34.97 23.07
N LEU A 151 -9.06 -34.24 24.13
CA LEU A 151 -7.95 -33.29 24.02
C LEU A 151 -6.64 -33.79 24.63
N ARG A 152 -6.52 -35.10 24.81
CA ARG A 152 -5.30 -35.73 25.35
C ARG A 152 -4.77 -35.02 26.60
N LEU A 153 -5.62 -34.85 27.61
CA LEU A 153 -5.20 -34.13 28.81
C LEU A 153 -4.26 -34.98 29.66
N PRO A 154 -3.31 -34.30 30.34
CA PRO A 154 -2.44 -34.98 31.31
C PRO A 154 -3.24 -35.57 32.47
N ASP A 155 -2.58 -36.33 33.34
CA ASP A 155 -3.29 -36.99 34.44
C ASP A 155 -3.98 -36.00 35.35
N TRP A 156 -5.13 -36.41 35.88
CA TRP A 156 -5.95 -35.58 36.75
C TRP A 156 -5.19 -35.00 37.93
N ASP A 157 -4.18 -35.75 38.38
CA ASP A 157 -3.47 -35.44 39.60
C ASP A 157 -2.29 -34.51 39.36
N ALA A 158 -2.02 -34.18 38.10
CA ALA A 158 -0.86 -33.35 37.78
C ALA A 158 -1.02 -31.89 38.21
N LYS A 159 0.03 -31.34 38.83
CA LYS A 159 0.13 -29.91 39.12
C LYS A 159 0.26 -29.11 37.83
N ILE A 160 -0.37 -27.94 37.79
CA ILE A 160 -0.29 -27.07 36.64
C ILE A 160 1.15 -26.62 36.37
N ALA A 161 1.89 -26.44 37.47
CA ALA A 161 3.29 -26.02 37.40
C ALA A 161 4.12 -27.01 36.57
N ASN A 162 3.89 -28.30 36.78
CA ASN A 162 4.65 -29.34 36.10
C ASN A 162 4.30 -29.44 34.62
N LEU A 163 3.13 -28.93 34.25
CA LEU A 163 2.63 -29.06 32.88
C LEU A 163 3.46 -28.26 31.88
N SER A 164 3.60 -28.80 30.68
CA SER A 164 4.26 -28.09 29.59
C SER A 164 3.34 -27.00 29.09
N GLY A 165 3.85 -26.16 28.19
CA GLY A 165 3.06 -25.11 27.61
C GLY A 165 1.91 -25.65 26.78
N GLY A 166 2.16 -26.79 26.12
CA GLY A 166 1.17 -27.41 25.27
C GLY A 166 0.16 -28.19 26.09
N GLU A 167 0.65 -28.75 27.19
CA GLU A 167 -0.22 -29.42 28.15
C GLU A 167 -1.17 -28.42 28.82
N ARG A 168 -0.67 -27.23 29.08
CA ARG A 168 -1.49 -26.20 29.72
C ARG A 168 -2.56 -25.69 28.76
N ARG A 169 -2.19 -25.63 27.48
CA ARG A 169 -3.11 -25.16 26.45
C ARG A 169 -4.26 -26.13 26.32
N ARG A 170 -3.96 -27.42 26.31
CA ARG A 170 -4.98 -28.45 26.19
C ARG A 170 -5.95 -28.40 27.36
N VAL A 171 -5.43 -28.14 28.55
CA VAL A 171 -6.27 -27.95 29.74
C VAL A 171 -7.17 -26.71 29.62
N ALA A 172 -6.57 -25.59 29.22
CA ALA A 172 -7.30 -24.34 29.11
C ALA A 172 -8.38 -24.49 28.06
N LEU A 173 -8.01 -25.07 26.93
CA LEU A 173 -8.96 -25.37 25.87
C LEU A 173 -10.11 -26.23 26.37
N CYS A 174 -9.80 -27.30 27.11
CA CYS A 174 -10.85 -28.20 27.60
C CYS A 174 -11.80 -27.52 28.59
N ARG A 175 -11.27 -26.58 29.39
CA ARG A 175 -12.13 -25.87 30.34
C ARG A 175 -13.15 -25.06 29.56
N LEU A 176 -12.63 -24.30 28.60
CA LEU A 176 -13.45 -23.43 27.79
C LEU A 176 -14.60 -24.18 27.14
N LEU A 177 -14.30 -25.32 26.53
CA LEU A 177 -15.34 -26.04 25.79
C LEU A 177 -16.38 -26.62 26.74
N LEU A 178 -15.94 -26.95 27.95
CA LEU A 178 -16.81 -27.51 28.98
C LEU A 178 -17.66 -26.47 29.68
N GLU A 179 -17.34 -25.20 29.49
CA GLU A 179 -18.14 -24.13 30.09
C GLU A 179 -19.33 -23.83 29.18
N LYS A 180 -19.19 -24.20 27.91
CA LYS A 180 -20.23 -23.95 26.91
C LYS A 180 -20.71 -22.51 26.97
N PRO A 181 -19.86 -21.56 26.55
CA PRO A 181 -20.30 -20.17 26.61
C PRO A 181 -21.22 -19.86 25.45
N ASP A 182 -21.72 -18.62 25.44
CA ASP A 182 -22.52 -18.12 24.34
C ASP A 182 -21.61 -17.73 23.20
N LEU A 184 -17.42 -18.04 21.98
CA LEU A 184 -16.03 -18.48 22.07
C LEU A 184 -15.11 -17.55 21.30
N LEU A 185 -14.10 -17.00 21.98
CA LEU A 185 -13.11 -16.19 21.33
C LEU A 185 -11.77 -16.93 21.36
N LEU A 186 -11.25 -17.30 20.20
CA LEU A 186 -10.13 -18.23 20.14
C LEU A 186 -8.89 -17.67 19.45
N ASP A 187 -7.82 -17.52 20.22
CA ASP A 187 -6.56 -17.07 19.64
C ASP A 187 -5.63 -18.23 19.36
N GLU A 188 -5.51 -18.61 18.10
CA GLU A 188 -4.68 -19.74 17.66
C GLU A 188 -4.91 -21.00 18.50
N PRO A 189 -6.11 -21.55 18.44
CA PRO A 189 -6.48 -22.69 19.28
C PRO A 189 -5.81 -24.00 18.87
N THR A 190 -5.24 -24.11 17.68
CA THR A 190 -4.70 -25.41 17.28
C THR A 190 -3.23 -25.63 17.66
N ASN A 191 -2.62 -24.64 18.31
CA ASN A 191 -1.23 -24.73 18.71
CA ASN A 191 -1.23 -24.74 18.71
C ASN A 191 -1.01 -25.92 19.65
N HIS A 192 0.08 -26.66 19.44
CA HIS A 192 0.46 -27.78 20.31
C HIS A 192 -0.54 -28.94 20.36
N LEU A 193 -1.41 -29.04 19.35
CA LEU A 193 -2.37 -30.13 19.29
C LEU A 193 -1.93 -31.10 18.21
N ASP A 194 -2.45 -32.33 18.22
CA ASP A 194 -2.15 -33.26 17.14
C ASP A 194 -3.31 -33.26 16.14
N ALA A 195 -3.09 -33.86 14.98
CA ALA A 195 -4.03 -33.74 13.87
C ALA A 195 -5.45 -34.23 14.16
N GLU A 196 -5.59 -35.37 14.81
CA GLU A 196 -6.91 -35.89 15.12
C GLU A 196 -7.62 -35.09 16.21
N SER A 197 -6.86 -34.52 17.14
CA SER A 197 -7.42 -33.57 18.11
C SER A 197 -7.94 -32.33 17.41
N VAL A 198 -7.17 -31.81 16.46
CA VAL A 198 -7.61 -30.64 15.71
C VAL A 198 -8.91 -30.95 14.97
N ALA A 199 -8.96 -32.14 14.37
CA ALA A 199 -10.15 -32.58 13.68
C ALA A 199 -11.32 -32.67 14.66
N TRP A 200 -11.02 -33.08 15.88
CA TRP A 200 -12.04 -33.17 16.90
C TRP A 200 -12.51 -31.75 17.28
N LEU A 201 -11.54 -30.85 17.43
CA LEU A 201 -11.84 -29.46 17.70
C LEU A 201 -12.73 -28.86 16.60
N GLU A 202 -12.38 -29.12 15.35
CA GLU A 202 -13.17 -28.61 14.24
C GLU A 202 -14.61 -29.09 14.34
N ARG A 203 -14.77 -30.38 14.64
CA ARG A 203 -16.12 -30.94 14.80
C ARG A 203 -16.87 -30.21 15.89
N PHE A 204 -16.24 -30.05 17.06
CA PHE A 204 -16.87 -29.37 18.18
C PHE A 204 -17.27 -27.95 17.78
N LEU A 205 -16.32 -27.21 17.21
CA LEU A 205 -16.56 -25.84 16.78
C LEU A 205 -17.65 -25.74 15.71
N HIS A 206 -17.71 -26.74 14.86
CA HIS A 206 -18.71 -26.76 13.81
C HIS A 206 -20.12 -26.95 14.36
N ASP A 207 -20.27 -27.81 15.37
CA ASP A 207 -21.59 -28.10 15.92
C ASP A 207 -21.95 -27.13 17.04
N PHE A 208 -20.96 -26.39 17.51
CA PHE A 208 -21.16 -25.44 18.59
C PHE A 208 -22.29 -24.47 18.22
N GLU A 209 -23.24 -24.31 19.13
CA GLU A 209 -24.47 -23.56 18.84
C GLU A 209 -24.27 -22.05 18.94
N GLY A 210 -23.29 -21.65 19.74
CA GLY A 210 -23.02 -20.24 19.95
C GLY A 210 -22.14 -19.62 18.87
N THR A 211 -21.57 -18.47 19.18
CA THR A 211 -20.75 -17.71 18.26
C THR A 211 -19.28 -18.03 18.46
N VAL A 212 -18.56 -18.22 17.36
CA VAL A 212 -17.15 -18.48 17.44
C VAL A 212 -16.35 -17.47 16.63
N VAL A 213 -15.44 -16.78 17.30
CA VAL A 213 -14.51 -15.89 16.59
C VAL A 213 -13.10 -16.43 16.79
N ALA A 214 -12.52 -16.99 15.74
CA ALA A 214 -11.22 -17.67 15.87
C ALA A 214 -10.09 -17.05 15.04
N ILE A 215 -8.97 -16.78 15.70
CA ILE A 215 -7.74 -16.43 14.99
C ILE A 215 -6.99 -17.72 14.72
N THR A 216 -6.91 -18.10 13.45
CA THR A 216 -6.28 -19.35 13.14
C THR A 216 -5.75 -19.39 11.71
N HIS A 217 -4.79 -20.28 11.49
CA HIS A 217 -4.21 -20.44 10.18
C HIS A 217 -4.74 -21.73 9.59
N ASP A 218 -5.54 -22.45 10.40
CA ASP A 218 -6.01 -23.77 10.04
C ASP A 218 -7.06 -23.68 8.95
N ARG A 219 -6.73 -24.15 7.75
CA ARG A 219 -7.60 -23.88 6.61
C ARG A 219 -8.84 -24.77 6.55
N TYR A 220 -8.77 -25.94 7.18
CA TYR A 220 -9.96 -26.76 7.32
C TYR A 220 -11.00 -26.12 8.28
N PHE A 221 -10.51 -25.48 9.34
CA PHE A 221 -11.37 -24.66 10.20
C PHE A 221 -12.06 -23.61 9.33
N LEU A 222 -11.22 -22.81 8.68
CA LEU A 222 -11.68 -21.69 7.88
C LEU A 222 -12.59 -22.10 6.72
N ASP A 223 -12.42 -23.31 6.21
CA ASP A 223 -13.17 -23.77 5.05
C ASP A 223 -14.45 -24.48 5.43
N ASN A 224 -14.44 -25.19 6.56
CA ASN A 224 -15.56 -26.06 6.93
C ASN A 224 -16.41 -25.46 8.05
N VAL A 225 -15.81 -24.60 8.86
CA VAL A 225 -16.53 -23.99 9.99
C VAL A 225 -16.86 -22.53 9.74
N ALA A 226 -15.82 -21.74 9.46
CA ALA A 226 -15.99 -20.32 9.16
C ALA A 226 -17.02 -20.07 8.07
N GLY A 227 -18.05 -19.31 8.43
CA GLY A 227 -19.02 -18.83 7.44
C GLY A 227 -18.77 -17.37 7.11
N TRP A 228 -17.81 -16.76 7.79
CA TRP A 228 -17.39 -15.38 7.53
C TRP A 228 -15.89 -15.31 7.77
N ILE A 229 -15.20 -14.53 6.93
CA ILE A 229 -13.78 -14.30 7.12
C ILE A 229 -13.56 -12.84 7.46
N LEU A 230 -12.93 -12.58 8.60
CA LEU A 230 -12.65 -11.20 8.98
C LEU A 230 -11.18 -10.88 8.82
N GLU A 231 -10.84 -10.15 7.77
CA GLU A 231 -9.44 -9.84 7.49
C GLU A 231 -9.01 -8.48 8.05
N LEU A 232 -7.89 -8.48 8.77
CA LEU A 232 -7.35 -7.22 9.26
C LEU A 232 -6.12 -6.82 8.43
N ASP A 233 -6.15 -5.62 7.88
CA ASP A 233 -5.07 -5.15 7.03
C ASP A 233 -4.28 -3.99 7.63
N ARG A 234 -4.75 -2.76 7.42
CA ARG A 234 -4.01 -1.60 7.92
C ARG A 234 -4.52 -1.23 9.31
N GLY A 235 -4.78 -2.27 10.11
CA GLY A 235 -5.47 -2.08 11.37
C GLY A 235 -6.94 -1.84 11.10
N GLU A 236 -7.36 -2.08 9.87
CA GLU A 236 -8.76 -1.95 9.51
C GLU A 236 -9.36 -3.30 9.11
N GLY A 237 -10.67 -3.43 9.30
CA GLY A 237 -11.34 -4.69 9.14
C GLY A 237 -12.01 -4.85 7.79
N ILE A 238 -11.81 -6.00 7.18
CA ILE A 238 -12.44 -6.29 5.90
C ILE A 238 -13.28 -7.56 6.07
N PRO A 239 -14.56 -7.40 6.42
CA PRO A 239 -15.42 -8.58 6.56
C PRO A 239 -15.69 -9.22 5.20
N TRP A 240 -15.57 -10.54 5.15
CA TRP A 240 -15.89 -11.26 3.94
C TRP A 240 -16.89 -12.35 4.24
N GLU A 241 -18.00 -12.34 3.52
CA GLU A 241 -19.04 -13.34 3.71
C GLU A 241 -18.71 -14.59 2.92
N GLY A 242 -18.49 -15.67 3.65
CA GLY A 242 -18.13 -16.92 3.02
C GLY A 242 -16.91 -17.54 3.67
N ASN A 243 -16.54 -18.72 3.20
CA ASN A 243 -15.44 -19.47 3.78
C ASN A 243 -14.09 -19.16 3.15
N TYR A 244 -13.08 -19.93 3.54
CA TYR A 244 -11.72 -19.74 3.05
C TYR A 244 -11.64 -19.80 1.54
N SER A 245 -12.21 -20.85 0.98
CA SER A 245 -12.22 -21.05 -0.46
C SER A 245 -12.72 -19.83 -1.24
N SER A 246 -13.90 -19.31 -0.90
CA SER A 246 -14.44 -18.17 -1.65
C SER A 246 -13.64 -16.90 -1.36
N TRP A 247 -13.15 -16.76 -0.14
CA TRP A 247 -12.26 -15.66 0.21
C TRP A 247 -11.01 -15.69 -0.66
N LEU A 248 -10.38 -16.88 -0.73
CA LEU A 248 -9.20 -17.12 -1.56
C LEU A 248 -9.43 -16.67 -3.01
N GLU A 249 -10.60 -16.99 -3.56
CA GLU A 249 -10.96 -16.54 -4.91
CA GLU A 249 -10.97 -16.55 -4.91
C GLU A 249 -11.03 -15.01 -4.98
N GLN A 250 -11.59 -14.41 -3.94
CA GLN A 250 -11.70 -12.96 -3.87
C GLN A 250 -10.30 -12.35 -3.76
N LYS A 251 -9.44 -12.96 -2.95
CA LYS A 251 -8.08 -12.47 -2.80
C LYS A 251 -7.37 -12.47 -4.13
N ASP A 252 -7.57 -13.53 -4.90
CA ASP A 252 -6.97 -13.63 -6.22
C ASP A 252 -7.43 -12.51 -7.16
N GLN A 253 -8.73 -12.22 -7.17
CA GLN A 253 -9.26 -11.19 -8.05
C GLN A 253 -8.76 -9.81 -7.63
N ARG A 254 -8.65 -9.61 -6.33
CA ARG A 254 -8.12 -8.36 -5.82
C ARG A 254 -6.68 -8.16 -6.26
N LEU A 255 -5.86 -9.21 -6.19
CA LEU A 255 -4.49 -9.14 -6.68
C LEU A 255 -4.42 -8.89 -8.18
N ALA A 256 -5.32 -9.52 -8.93
CA ALA A 256 -5.35 -9.31 -10.38
C ALA A 256 -5.74 -7.87 -10.72
N GLN A 257 -6.53 -7.25 -9.85
CA GLN A 257 -6.94 -5.88 -10.10
C GLN A 257 -5.77 -4.96 -9.87
N GLU A 258 -5.11 -5.19 -8.75
CA GLU A 258 -3.99 -4.39 -8.33
C GLU A 258 -2.91 -4.46 -9.38
N ALA A 259 -2.64 -5.68 -9.88
CA ALA A 259 -1.62 -5.86 -10.90
C ALA A 259 -1.99 -5.10 -12.17
N SER A 260 -3.28 -5.06 -12.45
CA SER A 260 -3.78 -4.40 -13.65
C SER A 260 -3.61 -2.89 -13.55
N GLN A 261 -3.83 -2.35 -12.36
CA GLN A 261 -3.76 -0.90 -12.14
C GLN A 261 -2.33 -0.39 -12.18
N GLU A 262 -1.39 -1.16 -11.65
CA GLU A 262 0.00 -0.73 -11.67
C GLU A 262 0.59 -0.88 -13.06
N ALA A 263 0.11 -1.89 -13.79
CA ALA A 263 0.55 -2.11 -15.17
C ALA A 263 0.12 -0.94 -16.05
N ALA A 264 -1.16 -0.55 -15.93
CA ALA A 264 -1.67 0.60 -16.69
C ALA A 264 -0.78 1.81 -16.45
N ARG A 265 -0.29 1.93 -15.23
CA ARG A 265 0.44 3.11 -14.84
C ARG A 265 1.97 3.01 -15.05
N ARG A 266 2.49 1.79 -15.00
CA ARG A 266 3.86 1.52 -15.40
C ARG A 266 4.01 1.85 -16.89
N LYS A 267 2.95 1.59 -17.65
CA LYS A 267 2.90 1.90 -19.08
C LYS A 267 2.90 3.42 -19.33
N SER A 268 2.15 4.16 -18.51
CA SER A 268 2.14 5.62 -18.61
CA SER A 268 2.14 5.61 -18.62
C SER A 268 3.54 6.18 -18.38
N ILE A 269 4.19 5.68 -17.32
CA ILE A 269 5.53 6.10 -16.98
C ILE A 269 6.55 5.77 -18.07
N GLU A 270 6.39 4.62 -18.71
CA GLU A 270 7.37 4.19 -19.71
C GLU A 270 7.27 5.00 -20.99
N LYS A 271 6.07 5.49 -21.28
CA LYS A 271 5.87 6.43 -22.37
C LYS A 271 6.68 7.70 -22.14
N GLU A 272 6.64 8.22 -20.92
CA GLU A 272 7.39 9.44 -20.62
C GLU A 272 8.88 9.12 -20.62
N LEU A 273 9.25 7.95 -20.13
CA LEU A 273 10.66 7.52 -20.17
C LEU A 273 11.24 7.54 -21.58
N GLU A 274 10.53 6.97 -22.55
CA GLU A 274 10.99 7.01 -23.94
C GLU A 274 11.28 8.44 -24.37
N TRP A 275 10.39 9.36 -23.99
CA TRP A 275 10.59 10.76 -24.34
C TRP A 275 11.83 11.30 -23.63
N VAL A 276 12.05 10.85 -22.40
CA VAL A 276 13.11 11.38 -21.56
C VAL A 276 14.50 10.83 -21.90
N ARG A 277 14.55 9.56 -22.29
CA ARG A 277 15.81 8.80 -22.48
C ARG A 277 17.04 9.47 -23.14
N GLN A 278 16.91 10.17 -24.27
CA GLN A 278 15.65 10.53 -24.93
C GLN A 278 15.41 9.80 -26.24
N GLY A 279 14.18 9.90 -26.72
CA GLY A 279 13.77 9.33 -27.99
C GLY A 279 12.82 10.27 -28.68
N THR A 280 13.35 11.43 -29.07
CA THR A 280 12.57 12.47 -29.74
C THR A 280 13.18 12.60 -31.18
N LYS A 281 13.35 13.75 -31.86
CA LYS A 281 12.97 15.13 -31.53
C LYS A 281 12.02 15.71 -32.57
N LYS A 286 3.96 15.47 -30.33
CA LYS A 286 5.01 14.70 -30.98
C LYS A 286 4.97 15.01 -32.47
N GLY A 287 5.15 16.28 -32.80
CA GLY A 287 4.70 16.80 -34.07
C GLY A 287 5.62 17.20 -35.20
N LYS A 288 6.72 16.47 -35.38
CA LYS A 288 7.35 16.48 -36.69
C LYS A 288 6.80 15.22 -37.34
N ALA A 289 6.44 14.27 -36.49
CA ALA A 289 5.85 13.00 -36.90
C ALA A 289 4.33 12.98 -36.77
N ARG A 290 3.78 13.72 -35.81
CA ARG A 290 2.35 13.61 -35.49
C ARG A 290 1.39 13.80 -36.67
N LEU A 291 1.59 14.88 -37.43
CA LEU A 291 0.74 15.22 -38.57
C LEU A 291 0.79 14.19 -39.68
N ALA A 292 1.93 13.50 -39.80
CA ALA A 292 2.11 12.50 -40.83
C ALA A 292 1.32 11.21 -40.53
N ARG A 293 1.30 10.79 -39.28
CA ARG A 293 0.70 9.52 -38.90
C ARG A 293 -0.72 9.68 -38.38
N PHE A 294 -1.34 10.78 -38.76
CA PHE A 294 -2.72 11.10 -38.43
C PHE A 294 -3.67 9.95 -38.75
N GLU A 295 -3.59 9.45 -39.97
CA GLU A 295 -4.46 8.38 -40.45
C GLU A 295 -4.39 7.11 -39.58
N GLU A 296 -3.20 6.85 -39.03
CA GLU A 296 -2.97 5.72 -38.14
C GLU A 296 -3.80 5.84 -36.85
N LEU A 297 -3.92 7.07 -36.36
CA LEU A 297 -4.71 7.32 -35.16
C LEU A 297 -6.20 7.12 -35.41
N ASN A 298 -6.64 7.41 -36.63
CA ASN A 298 -8.07 7.38 -36.94
C ASN A 298 -8.60 5.96 -37.15
N SER A 299 -7.71 4.98 -37.00
CA SER A 299 -8.10 3.58 -37.08
C SER A 299 -8.96 3.18 -35.89
N THR A 300 -10.08 2.52 -36.18
CA THR A 300 -11.04 2.15 -35.14
C THR A 300 -10.47 1.09 -34.19
N GLU A 301 -9.71 0.15 -34.74
CA GLU A 301 -9.12 -0.92 -33.94
C GLU A 301 -7.99 -0.37 -33.09
N TYR A 302 -7.29 0.61 -33.63
CA TYR A 302 -6.18 1.27 -32.95
C TYR A 302 -6.63 2.00 -31.68
N GLN A 303 -7.68 2.80 -31.81
CA GLN A 303 -8.21 3.51 -30.66
C GLN A 303 -8.83 2.57 -29.62
N LYS A 304 -9.31 1.42 -30.07
CA LYS A 304 -9.95 0.48 -29.15
C LYS A 304 -8.95 -0.09 -28.15
N ARG A 305 -7.67 -0.14 -28.53
CA ARG A 305 -6.62 -0.60 -27.62
C ARG A 305 -6.23 0.44 -26.56
N ASN A 306 -6.33 1.72 -26.92
CA ASN A 306 -6.03 2.81 -25.99
C ASN A 306 -7.06 2.96 -24.89
N GLU A 307 -8.13 2.17 -24.97
CA GLU A 307 -9.22 2.29 -24.02
C GLU A 307 -8.80 1.93 -22.60
N THR A 308 -7.79 1.08 -22.46
CA THR A 308 -7.32 0.70 -21.14
C THR A 308 -6.17 1.58 -20.62
N ASN A 309 -5.89 2.68 -21.31
CA ASN A 309 -4.88 3.65 -20.86
C ASN A 309 -5.37 4.41 -19.62
N GLU A 310 -4.45 4.87 -18.78
CA GLU A 310 -4.81 5.62 -17.59
C GLU A 310 -5.88 6.67 -17.90
N LEU A 311 -5.59 7.56 -18.83
CA LEU A 311 -6.62 8.42 -19.38
C LEU A 311 -6.90 8.02 -20.83
N PHE A 312 -8.17 8.02 -21.20
CA PHE A 312 -8.54 7.76 -22.56
C PHE A 312 -9.54 8.81 -23.04
N ILE A 313 -9.12 9.61 -24.00
CA ILE A 313 -10.00 10.64 -24.56
C ILE A 313 -10.81 10.04 -25.71
N PRO A 314 -12.13 10.19 -25.64
CA PRO A 314 -13.00 9.63 -26.67
C PRO A 314 -12.73 10.28 -28.01
N PRO A 315 -12.66 9.48 -29.06
CA PRO A 315 -12.46 10.00 -30.42
C PRO A 315 -13.69 10.77 -30.86
N GLY A 316 -13.47 11.87 -31.57
CA GLY A 316 -14.58 12.57 -32.15
C GLY A 316 -14.78 12.02 -33.54
N PRO A 317 -15.71 12.62 -34.28
CA PRO A 317 -15.91 12.27 -35.68
C PRO A 317 -14.61 12.45 -36.45
N ARG A 318 -14.47 11.75 -37.57
CA ARG A 318 -13.26 11.87 -38.38
C ARG A 318 -13.11 13.32 -38.82
N LEU A 319 -11.88 13.83 -38.70
CA LEU A 319 -11.59 15.22 -39.04
C LEU A 319 -11.33 15.34 -40.53
N GLY A 320 -11.75 16.43 -41.13
CA GLY A 320 -11.45 16.71 -42.52
C GLY A 320 -10.17 17.52 -42.66
N ASP A 321 -9.80 17.84 -43.89
CA ASP A 321 -8.57 18.58 -44.15
C ASP A 321 -8.63 20.02 -43.63
N LYS A 322 -9.77 20.66 -43.81
CA LYS A 322 -9.92 22.03 -43.30
C LYS A 322 -10.54 22.01 -41.91
N VAL A 323 -9.86 22.60 -40.96
CA VAL A 323 -10.29 22.53 -39.58
C VAL A 323 -10.61 23.92 -39.05
N LEU A 324 -9.59 24.76 -39.02
CA LEU A 324 -9.77 26.10 -38.50
C LEU A 324 -8.96 27.09 -39.29
N GLU A 325 -9.64 28.02 -39.92
CA GLU A 325 -8.98 29.06 -40.67
C GLU A 325 -9.35 30.40 -40.05
N VAL A 326 -8.33 31.14 -39.58
CA VAL A 326 -8.55 32.46 -39.02
C VAL A 326 -7.83 33.49 -39.89
N SER A 327 -8.53 34.54 -40.29
CA SER A 327 -7.95 35.51 -41.21
C SER A 327 -8.11 36.96 -40.71
N ASN A 328 -6.98 37.62 -40.45
CA ASN A 328 -6.97 39.00 -39.96
C ASN A 328 -7.82 39.21 -38.73
N LEU A 329 -7.72 38.31 -37.77
CA LEU A 329 -8.56 38.35 -36.58
C LEU A 329 -8.24 39.53 -35.69
N ARG A 330 -9.30 40.18 -35.22
CA ARG A 330 -9.15 41.38 -34.42
C ARG A 330 -10.20 41.46 -33.32
N LYS A 331 -9.74 41.73 -32.11
CA LYS A 331 -10.66 41.76 -30.98
C LYS A 331 -10.12 42.65 -29.89
N SER A 332 -11.01 43.46 -29.32
CA SER A 332 -10.63 44.30 -28.21
C SER A 332 -11.63 44.08 -27.11
N TYR A 333 -11.21 44.45 -25.91
CA TYR A 333 -12.09 44.46 -24.76
C TYR A 333 -11.93 45.83 -24.15
N GLY A 334 -13.02 46.58 -24.06
CA GLY A 334 -12.94 47.94 -23.62
C GLY A 334 -11.98 48.72 -24.48
N ASP A 335 -11.02 49.40 -23.85
CA ASP A 335 -10.04 50.17 -24.60
C ASP A 335 -8.74 49.42 -24.77
N ARG A 336 -8.80 48.10 -24.56
CA ARG A 336 -7.59 47.29 -24.62
C ARG A 336 -7.61 46.35 -25.84
N LEU A 337 -6.69 46.61 -26.76
CA LEU A 337 -6.49 45.73 -27.90
C LEU A 337 -5.93 44.39 -27.43
N LEU A 338 -6.67 43.31 -27.68
CA LEU A 338 -6.24 41.97 -27.27
C LEU A 338 -5.54 41.23 -28.41
N ILE A 339 -6.12 41.35 -29.59
CA ILE A 339 -5.63 40.66 -30.77
C ILE A 339 -5.73 41.60 -31.98
N ASP A 340 -4.64 41.70 -32.73
CA ASP A 340 -4.63 42.50 -33.94
C ASP A 340 -4.06 41.72 -35.10
N ASP A 341 -4.84 41.59 -36.16
CA ASP A 341 -4.33 41.09 -37.43
C ASP A 341 -3.75 39.68 -37.32
N LEU A 342 -4.42 38.84 -36.54
CA LEU A 342 -3.97 37.46 -36.37
C LEU A 342 -4.54 36.57 -37.46
N SER A 343 -3.66 35.85 -38.16
CA SER A 343 -4.11 34.86 -39.13
C SER A 343 -3.38 33.53 -38.90
N PHE A 344 -4.10 32.42 -39.06
CA PHE A 344 -3.49 31.10 -39.00
C PHE A 344 -4.43 30.02 -39.53
N SER A 345 -3.85 28.89 -39.95
CA SER A 345 -4.63 27.71 -40.32
C SER A 345 -4.15 26.56 -39.45
N ILE A 346 -5.08 25.74 -38.99
CA ILE A 346 -4.77 24.58 -38.16
C ILE A 346 -4.92 23.28 -38.93
N PRO A 347 -3.81 22.59 -39.20
CA PRO A 347 -3.82 21.28 -39.87
C PRO A 347 -4.53 20.26 -38.99
N LYS A 348 -5.16 19.26 -39.59
CA LYS A 348 -5.78 18.19 -38.81
C LYS A 348 -4.70 17.39 -38.06
N GLY A 349 -4.99 17.07 -36.81
CA GLY A 349 -4.04 16.36 -35.98
C GLY A 349 -3.20 17.29 -35.12
N ALA A 350 -3.11 18.56 -35.52
CA ALA A 350 -2.31 19.54 -34.79
C ALA A 350 -2.73 19.64 -33.33
N ILE A 351 -1.72 19.78 -32.48
CA ILE A 351 -1.92 20.18 -31.09
C ILE A 351 -1.25 21.53 -30.89
N VAL A 352 -2.06 22.54 -30.62
CA VAL A 352 -1.55 23.90 -30.55
C VAL A 352 -1.48 24.38 -29.11
N GLY A 353 -0.26 24.60 -28.63
CA GLY A 353 -0.04 25.18 -27.31
C GLY A 353 -0.17 26.69 -27.34
N ILE A 354 -0.89 27.26 -26.38
CA ILE A 354 -1.13 28.71 -26.37
C ILE A 354 -0.55 29.29 -25.10
N ILE A 355 0.30 30.29 -25.26
CA ILE A 355 1.01 30.88 -24.13
C ILE A 355 0.97 32.38 -24.16
N GLY A 356 1.28 32.99 -23.02
CA GLY A 356 1.33 34.42 -22.90
C GLY A 356 0.80 34.90 -21.57
N PRO A 357 1.06 36.17 -21.25
CA PRO A 357 0.58 36.76 -20.00
C PRO A 357 -0.94 36.73 -19.92
N ASN A 358 -1.47 36.53 -18.73
CA ASN A 358 -2.91 36.61 -18.54
C ASN A 358 -3.45 37.99 -18.96
N GLY A 359 -4.68 38.00 -19.45
CA GLY A 359 -5.27 39.22 -19.96
C GLY A 359 -4.80 39.60 -21.35
N ALA A 360 -4.07 38.70 -22.01
CA ALA A 360 -3.59 38.98 -23.36
C ALA A 360 -4.66 38.61 -24.40
N GLY A 361 -5.65 37.83 -23.97
CA GLY A 361 -6.79 37.51 -24.80
C GLY A 361 -6.80 36.07 -25.28
N LYS A 362 -6.13 35.21 -24.51
CA LYS A 362 -5.99 33.82 -24.89
C LYS A 362 -7.35 33.11 -24.80
N SER A 363 -8.00 33.26 -23.65
CA SER A 363 -9.31 32.67 -23.44
C SER A 363 -10.33 33.27 -24.39
N THR A 364 -10.14 34.53 -24.77
CA THR A 364 -11.06 35.21 -25.67
C THR A 364 -11.08 34.55 -27.06
N LEU A 365 -9.93 34.07 -27.52
CA LEU A 365 -9.88 33.35 -28.78
C LEU A 365 -10.77 32.12 -28.77
N PHE A 366 -10.73 31.36 -27.67
CA PHE A 366 -11.56 30.17 -27.56
C PHE A 366 -13.03 30.51 -27.66
N ARG A 367 -13.45 31.54 -26.94
CA ARG A 367 -14.84 31.96 -26.93
C ARG A 367 -15.30 32.44 -28.30
N ILE A 369 -13.80 31.30 -31.37
CA ILE A 369 -13.88 30.08 -32.17
C ILE A 369 -15.18 29.36 -31.82
N SER A 370 -15.55 29.43 -30.55
CA SER A 370 -16.74 28.78 -30.03
C SER A 370 -18.03 29.53 -30.40
N GLY A 371 -17.89 30.77 -30.86
CA GLY A 371 -19.04 31.56 -31.27
C GLY A 371 -19.80 32.17 -30.10
N GLN A 372 -19.16 32.19 -28.93
CA GLN A 372 -19.72 32.80 -27.74
C GLN A 372 -19.46 34.30 -27.76
N GLU A 373 -18.42 34.68 -28.48
CA GLU A 373 -18.08 36.08 -28.68
C GLU A 373 -17.80 36.33 -30.14
N GLN A 374 -17.95 37.59 -30.54
CA GLN A 374 -17.73 37.95 -31.94
C GLN A 374 -16.48 38.79 -32.08
N PRO A 375 -15.70 38.54 -33.14
CA PRO A 375 -14.52 39.37 -33.46
C PRO A 375 -14.93 40.79 -33.81
N ASP A 376 -14.03 41.75 -33.60
CA ASP A 376 -14.28 43.12 -34.01
C ASP A 376 -14.05 43.22 -35.51
N SER A 377 -13.17 42.36 -36.00
CA SER A 377 -12.87 42.28 -37.41
C SER A 377 -12.23 40.94 -37.70
N GLY A 378 -12.29 40.53 -38.95
CA GLY A 378 -11.64 39.31 -39.38
C GLY A 378 -12.61 38.15 -39.38
N THR A 379 -12.09 36.99 -39.75
CA THR A 379 -12.92 35.82 -39.96
C THR A 379 -12.37 34.58 -39.26
N ILE A 380 -13.29 33.84 -38.66
CA ILE A 380 -12.97 32.54 -38.10
C ILE A 380 -13.82 31.50 -38.80
N THR A 381 -13.18 30.57 -39.51
CA THR A 381 -13.93 29.55 -40.24
C THR A 381 -13.57 28.12 -39.83
N LEU A 382 -14.59 27.38 -39.37
CA LEU A 382 -14.40 25.99 -38.98
C LEU A 382 -14.82 25.06 -40.11
N GLY A 383 -14.18 23.90 -40.17
CA GLY A 383 -14.53 22.90 -41.15
C GLY A 383 -15.85 22.26 -40.79
N GLU A 384 -16.58 21.78 -41.78
CA GLU A 384 -17.92 21.23 -41.59
C GLU A 384 -17.92 19.96 -40.71
N THR A 385 -16.77 19.29 -40.63
CA THR A 385 -16.65 18.06 -39.83
C THR A 385 -16.23 18.37 -38.40
N VAL A 386 -15.92 19.63 -38.15
CA VAL A 386 -15.42 20.02 -36.85
C VAL A 386 -16.54 20.06 -35.82
N LYS A 387 -16.32 19.36 -34.71
CA LYS A 387 -17.19 19.40 -33.55
C LYS A 387 -16.33 19.82 -32.37
N LEU A 388 -16.69 20.93 -31.73
CA LEU A 388 -15.87 21.49 -30.66
C LEU A 388 -16.15 20.85 -29.32
N ALA A 389 -15.11 20.74 -28.50
CA ALA A 389 -15.26 20.46 -27.09
C ALA A 389 -14.51 21.53 -26.33
N SER A 390 -15.24 22.43 -25.66
CA SER A 390 -14.59 23.46 -24.88
C SER A 390 -14.54 23.05 -23.42
N VAL A 391 -13.37 23.21 -22.83
CA VAL A 391 -13.21 23.02 -21.40
C VAL A 391 -12.52 24.24 -20.83
N ASP A 392 -13.30 25.11 -20.18
CA ASP A 392 -12.77 26.32 -19.53
C ASP A 392 -11.93 26.02 -18.29
N GLN A 393 -11.34 27.07 -17.71
CA GLN A 393 -10.35 26.91 -16.67
C GLN A 393 -10.94 26.68 -15.28
N PHE A 394 -12.22 27.00 -15.09
CA PHE A 394 -12.85 26.95 -13.76
C PHE A 394 -13.19 25.52 -13.34
N ARG A 395 -13.16 25.24 -12.04
CA ARG A 395 -13.47 23.91 -11.54
C ARG A 395 -14.66 23.97 -10.62
N ASP A 396 -15.32 25.12 -10.61
CA ASP A 396 -16.32 25.44 -9.60
C ASP A 396 -17.59 24.61 -9.75
N SER A 397 -18.03 24.01 -8.65
CA SER A 397 -19.26 23.23 -8.63
C SER A 397 -20.34 24.00 -7.90
N ASP A 399 -22.82 22.56 -6.52
CA ASP A 399 -23.13 21.66 -5.42
C ASP A 399 -22.03 20.61 -5.29
N ASN A 400 -21.03 20.91 -4.46
CA ASN A 400 -19.89 20.03 -4.29
C ASN A 400 -20.19 18.88 -3.33
N SER A 401 -21.47 18.56 -3.20
CA SER A 401 -21.95 17.47 -2.37
C SER A 401 -22.29 16.28 -3.25
N LYS A 402 -22.40 16.53 -4.55
CA LYS A 402 -22.54 15.48 -5.53
C LYS A 402 -21.23 14.71 -5.68
N THR A 403 -21.33 13.47 -6.16
CA THR A 403 -20.16 12.62 -6.32
C THR A 403 -19.52 12.76 -7.68
N VAL A 404 -18.33 12.19 -7.80
CA VAL A 404 -17.61 12.14 -9.06
C VAL A 404 -18.51 11.58 -10.15
N TRP A 405 -19.18 10.47 -9.86
CA TRP A 405 -20.02 9.84 -10.87
C TRP A 405 -21.31 10.61 -11.13
N GLU A 406 -21.92 11.15 -10.07
CA GLU A 406 -23.13 11.95 -10.25
C GLU A 406 -22.79 13.17 -11.09
N GLU A 407 -21.67 13.82 -10.78
CA GLU A 407 -21.24 15.02 -11.48
C GLU A 407 -21.09 14.81 -12.99
N VAL A 408 -20.56 13.66 -13.39
CA VAL A 408 -20.32 13.38 -14.80
C VAL A 408 -21.55 12.85 -15.53
N SER A 409 -22.29 11.96 -14.88
CA SER A 409 -23.33 11.20 -15.53
C SER A 409 -24.67 11.90 -15.45
N GLY A 410 -24.88 12.65 -14.38
CA GLY A 410 -26.19 13.19 -14.08
C GLY A 410 -27.17 12.11 -13.68
N GLY A 411 -26.64 10.93 -13.34
CA GLY A 411 -27.49 9.81 -12.95
C GLY A 411 -27.68 8.81 -14.06
N LEU A 412 -27.13 9.12 -15.24
CA LEU A 412 -27.28 8.21 -16.39
C LEU A 412 -26.37 6.99 -16.25
N ASP A 413 -26.94 5.80 -16.46
CA ASP A 413 -26.15 4.58 -16.45
C ASP A 413 -25.53 4.40 -17.81
N ILE A 414 -26.22 4.92 -18.80
CA ILE A 414 -25.74 4.87 -20.17
C ILE A 414 -25.67 6.28 -20.74
N LYS A 416 -24.39 8.82 -24.11
CA LYS A 416 -23.96 8.90 -25.49
C LYS A 416 -22.69 9.73 -25.49
N ILE A 417 -21.54 9.06 -25.41
CA ILE A 417 -20.25 9.71 -25.49
C ILE A 417 -19.94 9.95 -26.96
N GLY A 418 -19.95 11.21 -27.38
CA GLY A 418 -19.86 11.54 -28.80
C GLY A 418 -21.05 10.98 -29.56
N ASN A 419 -20.77 10.05 -30.48
CA ASN A 419 -21.83 9.36 -31.24
C ASN A 419 -22.13 7.97 -30.70
N THR A 420 -21.42 7.57 -29.65
CA THR A 420 -21.51 6.20 -29.17
C THR A 420 -22.06 6.10 -27.76
N GLU A 421 -23.11 5.29 -27.60
CA GLU A 421 -23.64 4.96 -26.28
C GLU A 421 -22.68 4.01 -25.56
N PRO A 423 -21.62 2.59 -21.11
CA PRO A 423 -21.81 2.74 -19.66
C PRO A 423 -21.12 3.98 -19.10
N SER A 424 -21.82 4.77 -18.29
CA SER A 424 -21.21 5.95 -17.69
C SER A 424 -20.08 5.55 -16.74
N ARG A 425 -20.22 4.41 -16.08
CA ARG A 425 -19.21 3.94 -15.13
C ARG A 425 -17.89 3.68 -15.84
N ALA A 426 -17.99 3.07 -17.03
CA ALA A 426 -16.84 2.80 -17.88
C ALA A 426 -16.19 4.09 -18.40
N TYR A 427 -17.01 5.06 -18.78
CA TYR A 427 -16.48 6.31 -19.30
C TYR A 427 -15.79 7.07 -18.19
N VAL A 428 -16.41 7.07 -17.00
CA VAL A 428 -15.82 7.71 -15.83
C VAL A 428 -14.50 7.02 -15.45
N GLY A 429 -14.47 5.69 -15.57
CA GLY A 429 -13.27 4.92 -15.30
C GLY A 429 -12.15 5.22 -16.27
N ARG A 430 -12.49 5.56 -17.51
CA ARG A 430 -11.51 5.92 -18.53
C ARG A 430 -10.86 7.27 -18.26
N PHE A 431 -11.31 7.95 -17.21
CA PHE A 431 -10.64 9.16 -16.70
C PHE A 431 -9.97 8.92 -15.34
N ASN A 432 -9.54 7.68 -15.14
CA ASN A 432 -8.82 7.27 -13.93
C ASN A 432 -9.59 7.49 -12.63
N PHE A 433 -10.91 7.42 -12.71
CA PHE A 433 -11.71 7.38 -11.49
C PHE A 433 -12.14 5.94 -11.24
N LYS A 434 -11.40 5.26 -10.35
CA LYS A 434 -11.71 3.89 -9.98
C LYS A 434 -13.05 3.78 -9.29
N GLY A 435 -13.57 2.55 -9.24
CA GLY A 435 -14.88 2.26 -8.67
C GLY A 435 -15.02 2.84 -7.28
N VAL A 436 -13.95 2.70 -6.49
CA VAL A 436 -13.98 3.18 -5.11
C VAL A 436 -13.93 4.69 -5.02
N ASP A 437 -13.52 5.35 -6.10
CA ASP A 437 -13.39 6.80 -6.07
C ASP A 437 -14.63 7.53 -6.58
N GLN A 438 -15.56 6.80 -7.19
CA GLN A 438 -16.67 7.43 -7.90
C GLN A 438 -17.75 7.98 -6.98
N GLY A 439 -17.81 7.45 -5.77
CA GLY A 439 -18.73 7.95 -4.75
C GLY A 439 -18.13 9.05 -3.90
N LYS A 440 -16.86 9.38 -4.14
CA LYS A 440 -16.24 10.51 -3.44
C LYS A 440 -16.96 11.80 -3.86
N ARG A 441 -17.20 12.69 -2.89
CA ARG A 441 -17.87 13.94 -3.17
C ARG A 441 -16.91 14.95 -3.82
N VAL A 442 -17.44 15.78 -4.71
CA VAL A 442 -16.68 16.81 -5.39
C VAL A 442 -15.85 17.64 -4.42
N GLY A 443 -16.47 18.04 -3.30
CA GLY A 443 -15.81 18.84 -2.29
C GLY A 443 -14.67 18.12 -1.60
N GLU A 444 -14.71 16.79 -1.60
CA GLU A 444 -13.68 15.97 -0.95
C GLU A 444 -12.44 15.79 -1.82
N LEU A 445 -12.53 16.16 -3.09
CA LEU A 445 -11.44 15.96 -4.04
C LEU A 445 -10.38 17.03 -3.93
N SER A 446 -9.17 16.70 -4.40
CA SER A 446 -8.10 17.67 -4.49
C SER A 446 -8.34 18.49 -5.75
N GLY A 447 -7.80 19.71 -5.77
CA GLY A 447 -7.84 20.55 -6.96
C GLY A 447 -7.37 19.81 -8.19
N GLY A 448 -6.40 18.91 -8.00
CA GLY A 448 -5.96 18.04 -9.08
C GLY A 448 -7.14 17.22 -9.58
N GLU A 449 -7.78 16.51 -8.66
CA GLU A 449 -8.88 15.60 -9.00
C GLU A 449 -10.09 16.34 -9.54
N ARG A 450 -10.33 17.54 -9.02
CA ARG A 450 -11.37 18.43 -9.53
C ARG A 450 -11.07 18.75 -10.98
N GLY A 451 -9.78 18.77 -11.32
CA GLY A 451 -9.33 18.98 -12.67
C GLY A 451 -9.56 17.81 -13.61
N ARG A 452 -9.36 16.58 -13.14
CA ARG A 452 -9.67 15.43 -13.97
C ARG A 452 -11.17 15.34 -14.21
N LEU A 453 -11.94 15.57 -13.16
CA LEU A 453 -13.40 15.51 -13.23
C LEU A 453 -13.97 16.53 -14.22
N HIS A 454 -13.48 17.77 -14.13
CA HIS A 454 -13.91 18.85 -15.02
C HIS A 454 -13.65 18.40 -16.45
N LEU A 455 -12.46 17.88 -16.66
CA LEU A 455 -12.11 17.27 -17.93
C LEU A 455 -13.09 16.16 -18.31
N ALA A 456 -13.36 15.24 -17.39
CA ALA A 456 -14.22 14.09 -17.68
C ALA A 456 -15.64 14.54 -18.05
N LYS A 457 -16.14 15.51 -17.31
CA LYS A 457 -17.50 15.99 -17.49
C LYS A 457 -17.65 16.56 -18.88
N LEU A 458 -16.76 17.49 -19.22
CA LEU A 458 -16.98 18.33 -20.39
C LEU A 458 -16.57 17.68 -21.73
N LEU A 459 -15.70 16.67 -21.69
CA LEU A 459 -15.26 16.01 -22.92
C LEU A 459 -16.24 14.97 -23.38
N GLN A 460 -17.35 14.85 -22.68
CA GLN A 460 -18.34 13.83 -23.01
C GLN A 460 -19.02 14.10 -24.36
N VAL A 461 -18.80 15.30 -24.90
CA VAL A 461 -19.44 15.71 -26.15
C VAL A 461 -18.80 15.01 -27.35
N GLY A 462 -17.57 14.55 -27.16
CA GLY A 462 -16.86 13.77 -28.16
C GLY A 462 -16.46 14.57 -29.37
N GLY A 463 -15.79 15.70 -29.14
CA GLY A 463 -15.41 16.58 -30.22
C GLY A 463 -14.06 16.19 -30.80
N ASN A 464 -13.83 16.50 -32.07
CA ASN A 464 -12.53 16.23 -32.70
C ASN A 464 -11.64 17.45 -32.61
N LEU A 466 -10.50 19.99 -29.55
CA LEU A 466 -10.56 20.32 -28.13
C LEU A 466 -9.94 21.68 -27.86
N LEU A 467 -10.74 22.57 -27.26
CA LEU A 467 -10.25 23.85 -26.72
C LEU A 467 -10.14 23.74 -25.21
N LEU A 468 -8.94 23.49 -24.71
CA LEU A 468 -8.75 23.32 -23.28
C LEU A 468 -8.03 24.52 -22.72
N ASP A 469 -8.72 25.22 -21.84
CA ASP A 469 -8.17 26.40 -21.19
C ASP A 469 -7.59 26.03 -19.83
N GLU A 470 -6.26 25.92 -19.77
CA GLU A 470 -5.55 25.61 -18.53
C GLU A 470 -5.98 24.32 -17.85
N PRO A 471 -6.09 23.22 -18.61
CA PRO A 471 -6.49 21.99 -17.93
C PRO A 471 -5.38 21.51 -17.01
N THR A 472 -4.17 21.99 -17.26
CA THR A 472 -2.95 21.51 -16.61
C THR A 472 -2.60 22.26 -15.34
N ASN A 473 -3.20 23.42 -15.12
CA ASN A 473 -2.79 24.30 -14.03
C ASN A 473 -2.69 23.62 -12.67
N ASP A 474 -3.61 22.69 -12.38
CA ASP A 474 -3.69 22.11 -11.04
C ASP A 474 -3.46 20.60 -10.96
N LEU A 475 -3.09 19.97 -12.06
CA LEU A 475 -2.97 18.51 -12.09
C LEU A 475 -1.67 18.03 -11.48
N ASP A 476 -1.73 16.90 -10.78
CA ASP A 476 -0.53 16.25 -10.26
C ASP A 476 0.24 15.60 -11.40
N ILE A 477 1.44 15.12 -11.11
CA ILE A 477 2.31 14.65 -12.19
C ILE A 477 1.73 13.45 -12.95
N GLU A 478 1.18 12.48 -12.23
CA GLU A 478 0.61 11.29 -12.85
C GLU A 478 -0.51 11.62 -13.82
N THR A 479 -1.35 12.58 -13.47
CA THR A 479 -2.42 12.99 -14.37
C THR A 479 -1.88 13.75 -15.58
N LEU A 480 -0.93 14.65 -15.34
CA LEU A 480 -0.28 15.40 -16.42
C LEU A 480 0.29 14.44 -17.44
N ARG A 481 0.97 13.40 -16.96
CA ARG A 481 1.61 12.41 -17.82
C ARG A 481 0.55 11.63 -18.58
N ALA A 482 -0.50 11.22 -17.88
CA ALA A 482 -1.58 10.45 -18.49
C ALA A 482 -2.31 11.30 -19.54
N LEU A 483 -2.47 12.59 -19.25
CA LEU A 483 -3.10 13.52 -20.18
C LEU A 483 -2.26 13.71 -21.44
N GLU A 484 -0.97 14.00 -21.27
CA GLU A 484 -0.02 14.05 -22.39
C GLU A 484 -0.17 12.82 -23.29
N ASN A 485 -0.05 11.65 -22.67
CA ASN A 485 -0.21 10.36 -23.36
C ASN A 485 -1.56 10.24 -24.06
N ALA A 486 -2.62 10.63 -23.37
CA ALA A 486 -3.95 10.55 -23.95
C ALA A 486 -4.07 11.44 -25.19
N LEU A 487 -3.46 12.61 -25.11
CA LEU A 487 -3.51 13.58 -26.21
C LEU A 487 -2.66 13.15 -27.39
N LEU A 488 -1.52 12.52 -27.11
CA LEU A 488 -0.69 12.00 -28.19
C LEU A 488 -1.44 10.91 -28.96
N GLU A 489 -2.43 10.30 -28.33
CA GLU A 489 -3.20 9.24 -28.98
C GLU A 489 -4.50 9.77 -29.58
N PHE A 490 -4.88 10.98 -29.20
CA PHE A 490 -6.15 11.55 -29.65
C PHE A 490 -6.15 11.88 -31.14
N PRO A 491 -7.13 11.31 -31.88
CA PRO A 491 -7.27 11.38 -33.34
C PRO A 491 -7.46 12.78 -33.93
N GLY A 492 -8.11 13.68 -33.19
CA GLY A 492 -8.40 15.00 -33.72
C GLY A 492 -7.39 16.10 -33.41
N CYS A 493 -7.91 17.32 -33.30
CA CYS A 493 -7.12 18.50 -32.97
C CYS A 493 -7.33 18.94 -31.53
N ALA A 494 -6.29 19.54 -30.96
CA ALA A 494 -6.44 20.18 -29.66
C ALA A 494 -5.72 21.53 -29.66
N VAL A 496 -4.55 24.08 -26.63
CA VAL A 496 -4.41 24.06 -25.18
C VAL A 496 -3.66 25.29 -24.64
N ILE A 497 -4.34 26.08 -23.83
CA ILE A 497 -3.71 27.16 -23.10
C ILE A 497 -3.05 26.56 -21.87
N SER A 498 -1.75 26.78 -21.72
CA SER A 498 -0.99 26.14 -20.65
C SER A 498 0.33 26.87 -20.39
N HIS A 499 0.79 26.83 -19.14
CA HIS A 499 2.09 27.34 -18.76
C HIS A 499 2.97 26.21 -18.25
N ASP A 500 2.61 24.98 -18.61
CA ASP A 500 3.43 23.81 -18.30
C ASP A 500 4.27 23.49 -19.53
N ARG A 501 5.55 23.79 -19.45
CA ARG A 501 6.47 23.68 -20.59
C ARG A 501 6.80 22.24 -21.01
N TRP A 502 6.92 21.38 -20.01
CA TRP A 502 7.17 19.96 -20.25
C TRP A 502 5.98 19.39 -21.00
N PHE A 503 4.79 19.74 -20.53
CA PHE A 503 3.55 19.30 -21.16
C PHE A 503 3.51 19.80 -22.62
N LEU A 504 3.89 21.05 -22.81
CA LEU A 504 3.93 21.63 -24.15
C LEU A 504 4.96 20.96 -25.06
N ASP A 505 6.15 20.69 -24.56
CA ASP A 505 7.20 20.12 -25.39
C ASP A 505 6.88 18.67 -25.77
N ARG A 506 6.15 17.98 -24.90
CA ARG A 506 5.81 16.60 -25.19
C ARG A 506 4.83 16.47 -26.34
N ILE A 507 3.79 17.32 -26.37
CA ILE A 507 2.70 17.10 -27.33
C ILE A 507 2.56 18.15 -28.43
N ALA A 508 2.95 19.40 -28.17
CA ALA A 508 2.62 20.46 -29.13
C ALA A 508 3.33 20.37 -30.49
N THR A 509 2.52 20.48 -31.55
CA THR A 509 3.00 20.63 -32.92
C THR A 509 3.13 22.10 -33.33
N HIS A 510 2.40 22.98 -32.63
CA HIS A 510 2.40 24.42 -32.92
C HIS A 510 2.29 25.23 -31.65
N ILE A 511 2.64 26.52 -31.77
CA ILE A 511 2.57 27.46 -30.67
C ILE A 511 1.95 28.78 -31.11
N LEU A 512 0.96 29.24 -30.36
CA LEU A 512 0.45 30.61 -30.45
C LEU A 512 0.98 31.38 -29.27
N ASP A 513 1.78 32.41 -29.54
CA ASP A 513 2.39 33.21 -28.49
C ASP A 513 1.81 34.63 -28.44
N TYR A 514 0.97 34.87 -27.43
CA TYR A 514 0.40 36.19 -27.17
C TYR A 514 1.41 37.18 -26.60
N GLN A 515 1.68 38.24 -27.34
CA GLN A 515 2.52 39.33 -26.86
C GLN A 515 1.65 40.57 -26.60
N ASP A 516 2.24 41.61 -26.05
CA ASP A 516 1.48 42.82 -25.75
C ASP A 516 1.08 43.53 -27.04
N GLU A 517 0.13 44.45 -26.92
CA GLU A 517 -0.35 45.26 -28.04
C GLU A 517 -1.02 44.44 -29.15
N GLY A 518 -1.66 43.33 -28.77
CA GLY A 518 -2.45 42.54 -29.69
C GLY A 518 -1.67 41.68 -30.68
N LYS A 519 -0.35 41.62 -30.51
CA LYS A 519 0.51 40.80 -31.35
C LYS A 519 0.38 39.34 -30.97
N VAL A 520 0.11 38.46 -31.94
CA VAL A 520 0.08 37.03 -31.69
C VAL A 520 0.89 36.26 -32.73
N GLU A 521 1.89 35.52 -32.25
CA GLU A 521 2.80 34.81 -33.12
C GLU A 521 2.40 33.35 -33.25
N PHE A 522 2.40 32.85 -34.48
CA PHE A 522 2.06 31.46 -34.77
C PHE A 522 3.30 30.77 -35.33
N PHE A 523 3.63 29.62 -34.75
CA PHE A 523 4.89 28.95 -35.04
C PHE A 523 4.68 27.44 -35.09
N GLU A 524 5.41 26.77 -35.97
CA GLU A 524 5.36 25.31 -36.06
C GLU A 524 6.51 24.68 -35.27
N GLY A 525 6.17 24.07 -34.14
CA GLY A 525 7.14 23.43 -33.27
C GLY A 525 6.62 23.42 -31.86
N ASN A 526 7.40 22.96 -30.89
CA ASN A 526 6.93 22.96 -29.51
C ASN A 526 7.41 24.20 -28.79
N PHE A 527 7.24 24.22 -27.46
CA PHE A 527 7.57 25.41 -26.67
C PHE A 527 9.05 25.78 -26.76
N THR A 528 9.91 24.81 -26.55
CA THR A 528 11.34 25.07 -26.51
C THR A 528 11.89 25.49 -27.87
N GLU A 529 11.39 24.88 -28.93
CA GLU A 529 11.79 25.26 -30.27
C GLU A 529 11.38 26.70 -30.52
N TYR A 530 10.17 27.04 -30.05
CA TYR A 530 9.67 28.39 -30.22
C TYR A 530 10.54 29.41 -29.52
N GLU A 531 10.94 29.11 -28.29
CA GLU A 531 11.73 30.04 -27.51
C GLU A 531 13.08 30.34 -28.16
N GLU A 532 13.72 29.31 -28.71
CA GLU A 532 14.99 29.48 -29.41
C GLU A 532 14.81 30.33 -30.67
N TYR A 533 13.75 30.06 -31.42
CA TYR A 533 13.44 30.84 -32.59
C TYR A 533 13.15 32.29 -32.21
N LYS A 534 12.38 32.47 -31.14
CA LYS A 534 12.05 33.81 -30.68
C LYS A 534 13.32 34.55 -30.28
N LYS A 535 14.17 33.88 -29.52
CA LYS A 535 15.49 34.40 -29.17
C LYS A 535 16.38 34.66 -30.39
N ARG A 536 16.37 33.74 -31.34
CA ARG A 536 17.24 33.84 -32.52
C ARG A 536 16.88 35.05 -33.38
N THR A 537 15.60 35.41 -33.38
CA THR A 537 15.12 36.45 -34.28
C THR A 537 14.96 37.79 -33.57
N LEU A 538 14.50 37.75 -32.33
CA LEU A 538 14.30 38.97 -31.59
C LEU A 538 15.57 39.36 -30.84
N GLY A 539 16.58 38.50 -30.93
CA GLY A 539 17.84 38.72 -30.24
C GLY A 539 17.77 38.28 -28.79
N ALA A 540 18.89 38.32 -28.09
CA ALA A 540 18.90 38.03 -26.67
C ALA A 540 18.00 39.04 -25.95
N ASP A 541 17.52 38.65 -24.77
CA ASP A 541 16.54 39.40 -23.96
C ASP A 541 15.13 39.27 -24.52
N ALA A 542 14.95 38.35 -25.47
CA ALA A 542 13.63 38.10 -26.04
C ALA A 542 12.77 37.25 -25.11
N LEU A 543 13.41 36.33 -24.41
CA LEU A 543 12.69 35.37 -23.57
C LEU A 543 12.42 35.94 -22.18
N GLU A 544 13.11 37.02 -21.84
CA GLU A 544 12.93 37.70 -20.56
C GLU A 544 11.58 38.42 -20.50
N PRO A 545 10.64 37.90 -19.70
CA PRO A 545 9.28 38.45 -19.64
C PRO A 545 9.28 39.90 -19.20
N LYS A 546 8.29 40.66 -19.66
CA LYS A 546 8.23 42.10 -19.38
C LYS A 546 6.81 42.62 -19.37
N ARG A 547 6.33 43.02 -18.19
CA ARG A 547 5.00 43.60 -18.04
C ARG A 547 4.89 44.43 -16.75
N ILE A 548 4.78 45.74 -16.92
CA ILE A 548 4.61 46.68 -15.83
C ILE A 548 5.69 46.54 -14.75
N GLN B 3 27.14 23.01 8.80
CA GLN B 3 27.04 22.34 7.51
C GLN B 3 25.59 22.08 7.11
N PHE B 4 24.68 22.05 8.08
CA PHE B 4 23.27 21.86 7.75
C PHE B 4 22.47 23.14 7.84
N VAL B 5 21.70 23.41 6.80
CA VAL B 5 20.85 24.57 6.76
C VAL B 5 19.59 24.30 7.57
N TYR B 6 19.14 23.06 7.58
CA TYR B 6 17.98 22.66 8.35
C TYR B 6 18.08 21.17 8.71
N THR B 7 17.73 20.79 9.93
CA THR B 7 17.65 19.38 10.30
C THR B 7 16.30 19.03 10.91
N HIS B 9 14.46 15.70 13.18
CA HIS B 9 14.70 14.42 13.86
C HIS B 9 13.38 13.83 14.30
N ARG B 10 12.95 12.77 13.62
CA ARG B 10 11.72 12.05 13.96
C ARG B 10 10.47 12.94 13.93
N VAL B 11 10.52 14.00 13.13
CA VAL B 11 9.40 14.92 13.03
C VAL B 11 8.12 14.20 12.57
N GLY B 12 7.00 14.53 13.22
CA GLY B 12 5.71 14.00 12.85
C GLY B 12 4.65 15.00 13.24
N LYS B 13 3.45 14.85 12.70
CA LYS B 13 2.36 15.77 13.01
C LYS B 13 1.07 14.99 13.06
N VAL B 14 0.24 15.27 14.08
CA VAL B 14 -1.00 14.55 14.28
C VAL B 14 -2.22 15.45 14.09
N VAL B 15 -3.18 14.95 13.32
CA VAL B 15 -4.35 15.71 12.96
C VAL B 15 -5.58 14.92 13.40
N PRO B 16 -6.65 15.61 13.81
CA PRO B 16 -7.90 14.96 14.20
C PRO B 16 -8.38 13.92 13.18
N PRO B 17 -9.00 12.83 13.65
CA PRO B 17 -9.16 12.55 15.09
C PRO B 17 -7.85 12.12 15.73
N LYS B 18 -7.13 11.22 15.08
CA LYS B 18 -5.87 10.73 15.62
C LYS B 18 -4.87 10.53 14.49
N ARG B 19 -5.26 10.91 13.28
CA ARG B 19 -4.49 10.59 12.07
C ARG B 19 -3.13 11.29 12.02
N HIS B 20 -2.15 10.60 11.43
CA HIS B 20 -0.78 11.09 11.40
C HIS B 20 -0.42 11.54 10.00
N ILE B 21 -0.32 12.85 9.80
CA ILE B 21 -0.08 13.35 8.46
C ILE B 21 1.41 13.29 8.11
N LEU B 22 2.25 13.44 9.13
CA LEU B 22 3.66 13.14 8.99
C LEU B 22 4.07 12.31 10.18
N LYS B 23 4.97 11.35 9.94
CA LYS B 23 5.51 10.53 11.02
C LYS B 23 6.96 10.18 10.75
N ASN B 24 7.76 10.18 11.81
CA ASN B 24 9.15 9.69 11.75
C ASN B 24 10.04 10.38 10.72
N ILE B 25 9.80 11.67 10.46
CA ILE B 25 10.60 12.39 9.49
C ILE B 25 11.94 12.82 10.08
N SER B 26 13.01 12.17 9.63
CA SER B 26 14.38 12.55 10.00
C SER B 26 15.19 12.85 8.75
N LEU B 27 15.47 14.14 8.53
CA LEU B 27 16.11 14.61 7.30
C LEU B 27 17.08 15.74 7.59
N SER B 28 18.21 15.74 6.90
CA SER B 28 19.12 16.88 6.99
C SER B 28 19.14 17.62 5.66
N PHE B 29 19.24 18.95 5.73
CA PHE B 29 19.22 19.79 4.52
C PHE B 29 20.54 20.52 4.31
N PHE B 30 20.97 20.62 3.06
CA PHE B 30 22.30 21.18 2.78
C PHE B 30 22.23 22.50 2.05
N PRO B 31 23.12 23.43 2.41
CA PRO B 31 23.18 24.74 1.77
C PRO B 31 23.32 24.64 0.26
N GLY B 32 22.38 25.25 -0.46
CA GLY B 32 22.44 25.32 -1.90
C GLY B 32 21.72 24.17 -2.58
N ALA B 33 21.43 23.13 -1.81
CA ALA B 33 20.70 21.99 -2.32
C ALA B 33 19.37 22.51 -2.85
N LYS B 34 18.98 21.98 -4.00
CA LYS B 34 17.70 22.32 -4.58
C LYS B 34 16.86 21.04 -4.52
N ILE B 35 15.76 21.09 -3.77
CA ILE B 35 14.96 19.90 -3.51
C ILE B 35 13.55 20.04 -4.07
N GLY B 36 13.15 19.10 -4.92
CA GLY B 36 11.76 19.03 -5.36
C GLY B 36 10.99 18.12 -4.42
N VAL B 37 9.81 18.56 -3.98
CA VAL B 37 9.00 17.78 -3.04
C VAL B 37 7.77 17.18 -3.74
N LEU B 38 7.64 15.86 -3.66
CA LEU B 38 6.60 15.14 -4.38
C LEU B 38 5.70 14.37 -3.45
N GLY B 39 4.63 13.81 -3.98
CA GLY B 39 3.77 12.93 -3.23
C GLY B 39 2.33 13.14 -3.63
N LEU B 40 1.47 12.21 -3.22
CA LEU B 40 0.04 12.33 -3.49
C LEU B 40 -0.58 13.40 -2.58
N ASN B 41 -1.77 13.86 -2.95
CA ASN B 41 -2.53 14.76 -2.11
C ASN B 41 -2.79 14.12 -0.74
N GLY B 42 -2.46 14.87 0.32
CA GLY B 42 -2.60 14.37 1.67
C GLY B 42 -1.38 13.64 2.21
N ALA B 43 -0.25 13.76 1.51
CA ALA B 43 0.97 13.10 1.95
C ALA B 43 1.68 13.93 3.02
N GLY B 44 1.26 15.17 3.19
CA GLY B 44 1.86 16.03 4.19
C GLY B 44 2.89 16.98 3.60
N LYS B 45 2.86 17.15 2.28
CA LYS B 45 3.78 18.06 1.62
C LYS B 45 3.75 19.49 2.21
N SER B 46 2.55 20.08 2.27
CA SER B 46 2.38 21.45 2.72
C SER B 46 2.71 21.61 4.19
N THR B 47 2.38 20.60 4.99
CA THR B 47 2.69 20.60 6.42
C THR B 47 4.20 20.63 6.61
N LEU B 48 4.90 19.84 5.80
CA LEU B 48 6.34 19.78 5.86
C LEU B 48 6.97 21.18 5.71
N LEU B 49 6.51 21.94 4.73
CA LEU B 49 7.05 23.29 4.51
C LEU B 49 6.62 24.25 5.61
N ARG B 50 5.42 24.06 6.12
CA ARG B 50 4.96 24.91 7.20
C ARG B 50 5.87 24.72 8.42
N ILE B 51 6.25 23.48 8.70
CA ILE B 51 7.15 23.21 9.82
C ILE B 51 8.53 23.87 9.66
N ALA B 53 9.15 26.31 7.82
CA ALA B 53 8.92 27.75 7.80
C ALA B 53 8.94 28.29 9.20
N GLY B 54 8.79 27.40 10.18
CA GLY B 54 8.73 27.83 11.56
C GLY B 54 7.34 28.28 11.94
N ILE B 55 6.38 27.97 11.09
CA ILE B 55 5.00 28.31 11.39
C ILE B 55 4.36 27.25 12.26
N ASP B 56 4.24 26.04 11.72
CA ASP B 56 3.67 24.97 12.53
C ASP B 56 4.75 24.51 13.51
N LYS B 57 4.55 24.81 14.79
CA LYS B 57 5.51 24.52 15.84
C LYS B 57 4.99 23.44 16.79
N ASP B 58 3.81 22.90 16.50
CA ASP B 58 3.18 21.88 17.34
C ASP B 58 3.35 20.49 16.73
N ILE B 59 4.52 19.90 16.97
CA ILE B 59 4.93 18.69 16.28
C ILE B 59 5.60 17.69 17.22
N GLU B 60 5.83 16.49 16.70
CA GLU B 60 6.65 15.50 17.41
C GLU B 60 8.08 15.68 16.90
N GLY B 61 9.05 15.16 17.65
CA GLY B 61 10.42 15.19 17.17
C GLY B 61 11.02 16.58 17.19
N GLU B 62 12.13 16.77 16.48
CA GLU B 62 12.89 18.01 16.54
CA GLU B 62 12.86 18.03 16.54
C GLU B 62 13.13 18.64 15.17
N ALA B 63 12.56 19.82 14.97
CA ALA B 63 12.73 20.59 13.73
C ALA B 63 13.45 21.90 14.02
N ARG B 64 14.63 22.06 13.44
CA ARG B 64 15.54 23.14 13.82
C ARG B 64 16.30 23.69 12.60
N PRO B 65 16.18 25.01 12.35
CA PRO B 65 16.97 25.68 11.32
C PRO B 65 18.37 26.02 11.78
N GLN B 66 19.30 26.17 10.85
CA GLN B 66 20.62 26.72 11.16
C GLN B 66 20.40 28.11 11.75
N PRO B 67 21.04 28.42 12.89
CA PRO B 67 20.85 29.77 13.44
C PRO B 67 21.28 30.82 12.44
N ASP B 68 20.59 31.97 12.46
CA ASP B 68 20.86 33.10 11.57
C ASP B 68 20.43 32.90 10.12
N ILE B 69 19.72 31.81 9.85
CA ILE B 69 19.31 31.57 8.47
C ILE B 69 18.02 32.31 8.12
N LYS B 70 18.06 33.06 7.02
CA LYS B 70 16.91 33.81 6.57
C LYS B 70 16.05 32.93 5.68
N ILE B 71 14.82 32.69 6.12
CA ILE B 71 13.91 31.81 5.41
C ILE B 71 12.78 32.61 4.79
N GLY B 72 12.60 32.48 3.47
CA GLY B 72 11.46 33.06 2.80
C GLY B 72 10.47 31.96 2.44
N TYR B 73 9.20 32.16 2.78
CA TYR B 73 8.17 31.13 2.62
C TYR B 73 7.01 31.54 1.73
N LEU B 74 6.72 30.74 0.71
CA LEU B 74 5.56 30.98 -0.14
C LEU B 74 4.47 29.92 0.06
N PRO B 75 3.38 30.29 0.75
CA PRO B 75 2.27 29.35 0.93
C PRO B 75 1.38 29.31 -0.31
N GLN B 76 0.48 28.34 -0.40
CA GLN B 76 -0.39 28.23 -1.57
C GLN B 76 -1.28 29.45 -1.78
N GLU B 77 -1.82 30.00 -0.69
CA GLU B 77 -2.68 31.17 -0.79
C GLU B 77 -1.96 32.40 -0.24
N PRO B 78 -1.68 33.38 -1.11
CA PRO B 78 -0.93 34.58 -0.74
C PRO B 78 -1.56 35.33 0.43
N GLN B 79 -0.71 35.83 1.33
CA GLN B 79 -1.20 36.66 2.43
C GLN B 79 -0.58 38.05 2.35
N LEU B 80 -1.37 38.98 1.83
CA LEU B 80 -0.92 40.35 1.61
C LEU B 80 -1.95 41.33 2.15
N ASN B 81 -1.48 42.43 2.75
CA ASN B 81 -2.35 43.50 3.22
C ASN B 81 -3.15 44.07 2.04
N PRO B 82 -4.49 43.99 2.11
CA PRO B 82 -5.36 44.36 1.00
C PRO B 82 -5.47 45.86 0.78
N GLU B 83 -4.90 46.63 1.69
CA GLU B 83 -5.04 48.09 1.64
C GLU B 83 -3.79 48.78 1.09
N HIS B 84 -2.73 47.99 0.91
CA HIS B 84 -1.51 48.52 0.33
C HIS B 84 -1.49 48.41 -1.18
N THR B 85 -0.73 49.30 -1.81
CA THR B 85 -0.55 49.29 -3.24
C THR B 85 0.49 48.22 -3.59
N VAL B 86 0.58 47.84 -4.86
CA VAL B 86 1.61 46.90 -5.31
C VAL B 86 3.00 47.40 -4.94
N ARG B 87 3.26 48.67 -5.24
CA ARG B 87 4.53 49.33 -4.90
C ARG B 87 4.89 49.14 -3.43
N GLU B 88 3.98 49.54 -2.54
CA GLU B 88 4.16 49.40 -1.11
C GLU B 88 4.46 47.96 -0.69
N SER B 89 3.75 46.99 -1.25
CA SER B 89 4.01 45.60 -0.93
C SER B 89 5.42 45.23 -1.36
N ILE B 90 5.77 45.64 -2.56
CA ILE B 90 7.07 45.31 -3.11
C ILE B 90 8.17 46.00 -2.33
N GLU B 91 7.90 47.23 -1.92
CA GLU B 91 8.86 48.03 -1.20
C GLU B 91 9.17 47.47 0.19
N GLU B 92 8.25 46.69 0.75
CA GLU B 92 8.46 46.12 2.07
C GLU B 92 9.56 45.09 2.08
N ALA B 93 9.80 44.47 0.92
CA ALA B 93 10.81 43.44 0.80
C ALA B 93 12.20 44.07 0.75
N VAL B 94 12.27 45.30 0.24
CA VAL B 94 13.55 45.99 0.12
C VAL B 94 13.67 47.12 1.15
N SER B 95 12.95 46.99 2.26
CA SER B 95 12.89 48.08 3.23
C SER B 95 14.25 48.40 3.83
N GLU B 96 15.12 47.40 3.94
CA GLU B 96 16.44 47.61 4.53
C GLU B 96 17.27 48.51 3.63
N VAL B 97 17.12 48.30 2.33
CA VAL B 97 17.80 49.12 1.33
C VAL B 97 17.20 50.52 1.30
N VAL B 98 15.88 50.58 1.41
CA VAL B 98 15.16 51.86 1.43
C VAL B 98 15.53 52.70 2.66
N ASN B 99 15.54 52.08 3.84
CA ASN B 99 15.93 52.76 5.07
C ASN B 99 17.32 53.36 4.98
N ALA B 100 18.16 52.72 4.19
CA ALA B 100 19.52 53.20 3.98
C ALA B 100 19.49 54.45 3.11
N LEU B 101 18.67 54.42 2.07
CA LEU B 101 18.55 55.56 1.18
C LEU B 101 18.10 56.80 1.94
N LYS B 102 17.14 56.62 2.85
CA LYS B 102 16.67 57.72 3.68
C LYS B 102 17.81 58.24 4.58
N ARG B 103 18.56 57.32 5.17
CA ARG B 103 19.66 57.70 6.05
C ARG B 103 20.76 58.39 5.24
N LEU B 104 20.98 57.91 4.02
CA LEU B 104 21.98 58.51 3.15
C LEU B 104 21.76 60.01 2.95
N ASP B 105 20.52 60.39 2.65
CA ASP B 105 20.18 61.79 2.40
C ASP B 105 20.34 62.64 3.66
N GLU B 106 20.11 62.05 4.82
CA GLU B 106 20.34 62.76 6.07
C GLU B 106 21.83 63.06 6.21
N VAL B 107 22.65 62.05 5.93
CA VAL B 107 24.11 62.18 5.93
C VAL B 107 24.56 63.27 4.96
N TYR B 108 24.03 63.24 3.74
CA TYR B 108 24.35 64.26 2.75
C TYR B 108 24.05 65.66 3.27
N ALA B 109 22.91 65.82 3.94
CA ALA B 109 22.54 67.13 4.47
C ALA B 109 23.47 67.53 5.60
N LEU B 110 23.90 66.54 6.36
CA LEU B 110 24.66 66.77 7.57
C LEU B 110 26.04 67.35 7.31
N TYR B 111 26.53 67.21 6.08
CA TYR B 111 27.84 67.76 5.74
C TYR B 111 27.84 69.27 5.91
N ALA B 112 26.68 69.89 5.67
CA ALA B 112 26.56 71.34 5.73
C ALA B 112 26.52 71.89 7.16
N ASP B 113 26.42 71.02 8.16
CA ASP B 113 26.46 71.51 9.53
C ASP B 113 27.88 71.49 10.06
N PRO B 114 28.31 72.57 10.73
CA PRO B 114 29.69 72.70 11.19
C PRO B 114 30.04 71.81 12.39
N ASP B 115 29.04 71.36 13.13
CA ASP B 115 29.30 70.48 14.27
C ASP B 115 29.35 68.99 13.89
N ALA B 116 28.89 68.68 12.68
CA ALA B 116 28.99 67.32 12.16
C ALA B 116 30.44 66.86 12.02
N ASP B 117 30.68 65.60 12.34
CA ASP B 117 31.99 64.99 12.20
C ASP B 117 32.10 64.45 10.78
N PHE B 118 33.05 64.97 10.01
CA PHE B 118 33.19 64.55 8.62
C PHE B 118 33.55 63.07 8.49
N ASP B 119 34.54 62.63 9.27
CA ASP B 119 34.97 61.23 9.25
C ASP B 119 33.81 60.25 9.48
N LYS B 120 33.03 60.49 10.52
CA LYS B 120 31.90 59.62 10.83
C LYS B 120 30.88 59.60 9.70
N LEU B 121 30.69 60.75 9.06
CA LEU B 121 29.75 60.86 7.95
C LEU B 121 30.23 60.04 6.78
N ALA B 122 31.52 60.17 6.45
CA ALA B 122 32.09 59.44 5.32
C ALA B 122 32.15 57.95 5.62
N ALA B 123 32.34 57.61 6.89
CA ALA B 123 32.37 56.22 7.31
C ALA B 123 30.98 55.63 7.21
N GLU B 124 29.98 56.37 7.71
CA GLU B 124 28.61 55.90 7.63
C GLU B 124 28.12 55.89 6.19
N GLN B 125 28.50 56.89 5.42
CA GLN B 125 28.18 56.93 4.00
C GLN B 125 28.68 55.67 3.33
N GLY B 126 29.92 55.29 3.60
CA GLY B 126 30.52 54.09 3.05
C GLY B 126 29.78 52.80 3.38
N ARG B 127 29.35 52.68 4.63
CA ARG B 127 28.57 51.53 5.06
C ARG B 127 27.23 51.50 4.33
N LEU B 128 26.76 52.68 3.92
CA LEU B 128 25.50 52.77 3.19
C LEU B 128 25.69 52.42 1.69
N GLU B 129 26.93 52.18 1.29
CA GLU B 129 27.21 51.78 -0.09
C GLU B 129 27.46 50.29 -0.16
N GLU B 130 27.48 49.66 1.00
CA GLU B 130 27.61 48.20 1.10
C GLU B 130 26.58 47.37 0.30
N ILE B 131 25.27 47.64 0.39
CA ILE B 131 24.62 48.79 1.02
C ILE B 131 24.60 48.76 2.55
N LEU B 140 20.38 51.46 -8.71
CA LEU B 140 20.09 50.13 -8.17
C LEU B 140 18.60 50.00 -7.88
N ASN B 141 17.87 51.09 -8.11
CA ASN B 141 16.44 51.11 -7.89
C ASN B 141 15.69 50.35 -8.98
N VAL B 142 16.26 50.36 -10.19
CA VAL B 142 15.67 49.76 -11.37
C VAL B 142 15.41 48.26 -11.22
N GLN B 143 16.12 47.61 -10.30
CA GLN B 143 15.94 46.18 -10.03
C GLN B 143 14.48 45.79 -9.78
N LEU B 144 13.68 46.77 -9.34
CA LEU B 144 12.25 46.57 -9.10
C LEU B 144 11.51 46.45 -10.42
N GLU B 145 11.78 47.38 -11.33
CA GLU B 145 11.17 47.36 -12.66
C GLU B 145 11.44 46.02 -13.31
N ARG B 146 12.71 45.63 -13.37
CA ARG B 146 13.08 44.35 -13.96
C ARG B 146 12.34 43.20 -13.27
N ALA B 147 12.20 43.28 -11.96
CA ALA B 147 11.53 42.23 -11.19
C ALA B 147 10.03 42.21 -11.49
N ALA B 148 9.42 43.38 -11.48
CA ALA B 148 8.00 43.50 -11.78
C ALA B 148 7.75 43.07 -13.22
N ASP B 149 8.66 43.47 -14.11
CA ASP B 149 8.58 43.05 -15.50
C ASP B 149 8.62 41.53 -15.57
N ALA B 150 9.67 40.95 -15.00
CA ALA B 150 9.90 39.51 -15.11
C ALA B 150 8.76 38.65 -14.59
N LEU B 151 8.07 39.11 -13.54
CA LEU B 151 6.94 38.35 -13.03
C LEU B 151 5.61 38.92 -13.47
N ARG B 152 5.65 39.99 -14.27
CA ARG B 152 4.47 40.62 -14.84
C ARG B 152 3.47 41.02 -13.75
N LEU B 153 3.92 41.88 -12.85
CA LEU B 153 3.06 42.37 -11.79
C LEU B 153 2.05 43.37 -12.36
N PRO B 154 0.93 43.57 -11.65
CA PRO B 154 -0.01 44.60 -12.10
C PRO B 154 0.59 45.98 -11.81
N ASP B 155 -0.07 47.06 -12.24
CA ASP B 155 0.49 48.39 -12.05
C ASP B 155 0.83 48.75 -10.60
N TRP B 156 1.86 49.58 -10.41
CA TRP B 156 2.30 49.99 -9.08
C TRP B 156 1.19 50.57 -8.20
N ASP B 157 0.26 51.29 -8.82
CA ASP B 157 -0.80 51.98 -8.07
C ASP B 157 -1.93 51.04 -7.68
N ALA B 158 -1.95 49.85 -8.28
CA ALA B 158 -3.02 48.90 -8.04
C ALA B 158 -3.16 48.55 -6.56
N LYS B 159 -4.40 48.54 -6.08
CA LYS B 159 -4.70 48.18 -4.71
C LYS B 159 -4.84 46.66 -4.65
N ILE B 160 -4.19 46.05 -3.66
CA ILE B 160 -4.19 44.60 -3.51
C ILE B 160 -5.61 44.05 -3.45
N ALA B 161 -6.47 44.72 -2.70
CA ALA B 161 -7.88 44.36 -2.62
C ALA B 161 -8.53 44.21 -4.00
N ASN B 162 -8.01 44.95 -4.97
CA ASN B 162 -8.52 44.89 -6.34
C ASN B 162 -7.84 43.81 -7.20
N LEU B 163 -6.70 43.28 -6.75
CA LEU B 163 -6.01 42.24 -7.50
C LEU B 163 -6.72 40.90 -7.44
N SER B 164 -6.49 40.07 -8.46
CA SER B 164 -7.03 38.72 -8.51
C SER B 164 -6.13 37.76 -7.74
N GLY B 165 -6.52 36.49 -7.72
CA GLY B 165 -5.75 35.48 -7.03
C GLY B 165 -4.36 35.36 -7.61
N GLY B 166 -4.30 35.32 -8.94
CA GLY B 166 -3.02 35.19 -9.63
C GLY B 166 -2.11 36.37 -9.42
N GLU B 167 -2.67 37.57 -9.60
CA GLU B 167 -1.91 38.81 -9.47
C GLU B 167 -1.27 38.91 -8.10
N ARG B 168 -2.06 38.61 -7.07
CA ARG B 168 -1.58 38.62 -5.71
C ARG B 168 -0.45 37.62 -5.51
N ARG B 169 -0.51 36.48 -6.21
CA ARG B 169 0.54 35.47 -6.12
CA ARG B 169 0.54 35.48 -6.11
C ARG B 169 1.81 35.96 -6.78
N ARG B 170 1.67 36.65 -7.91
CA ARG B 170 2.82 37.25 -8.57
C ARG B 170 3.47 38.30 -7.66
N VAL B 171 2.65 39.14 -7.03
CA VAL B 171 3.16 40.13 -6.09
C VAL B 171 3.89 39.46 -4.92
N ALA B 172 3.25 38.46 -4.32
CA ALA B 172 3.82 37.79 -3.15
C ALA B 172 5.11 37.08 -3.51
N LEU B 173 5.14 36.49 -4.70
CA LEU B 173 6.34 35.80 -5.15
C LEU B 173 7.44 36.80 -5.42
N CYS B 174 7.12 37.87 -6.14
CA CYS B 174 8.07 38.93 -6.43
C CYS B 174 8.71 39.47 -5.16
N ARG B 175 7.88 39.73 -4.15
CA ARG B 175 8.34 40.13 -2.83
C ARG B 175 9.40 39.18 -2.31
N LEU B 176 9.07 37.89 -2.31
CA LEU B 176 9.90 36.87 -1.70
C LEU B 176 11.29 36.81 -2.34
N LEU B 177 11.34 36.89 -3.66
CA LEU B 177 12.61 36.78 -4.36
C LEU B 177 13.45 38.03 -4.17
N LEU B 178 12.79 39.15 -3.91
CA LEU B 178 13.49 40.41 -3.66
C LEU B 178 14.08 40.45 -2.25
N GLU B 179 13.55 39.61 -1.36
CA GLU B 179 14.04 39.58 0.02
C GLU B 179 15.43 38.95 0.12
N LYS B 180 15.80 38.21 -0.92
CA LYS B 180 17.07 37.49 -0.94
C LYS B 180 17.31 36.66 0.33
N PRO B 181 16.38 35.74 0.64
CA PRO B 181 16.63 34.91 1.82
C PRO B 181 17.71 33.87 1.52
N ASP B 182 18.06 33.08 2.52
CA ASP B 182 19.07 32.05 2.36
C ASP B 182 18.39 30.79 1.86
N LEU B 184 14.59 29.33 0.32
CA LEU B 184 13.25 29.51 -0.22
C LEU B 184 12.44 28.27 0.04
N LEU B 185 11.27 28.44 0.63
CA LEU B 185 10.35 27.32 0.78
C LEU B 185 9.11 27.65 -0.02
N LEU B 186 8.95 26.99 -1.15
CA LEU B 186 7.89 27.32 -2.10
C LEU B 186 6.83 26.23 -2.22
N ASP B 187 5.59 26.57 -1.85
CA ASP B 187 4.47 25.65 -2.03
C ASP B 187 3.68 26.00 -3.29
N GLU B 188 3.96 25.28 -4.37
CA GLU B 188 3.31 25.44 -5.68
C GLU B 188 3.45 26.83 -6.33
N PRO B 189 4.70 27.28 -6.53
CA PRO B 189 4.97 28.65 -7.01
C PRO B 189 4.52 28.94 -8.44
N THR B 190 4.24 27.92 -9.24
CA THR B 190 3.93 28.14 -10.65
C THR B 190 2.45 28.36 -10.92
N ASN B 191 1.61 28.19 -9.90
CA ASN B 191 0.17 28.41 -10.02
C ASN B 191 -0.12 29.78 -10.62
N HIS B 192 -1.03 29.81 -11.59
CA HIS B 192 -1.41 31.05 -12.26
C HIS B 192 -0.29 31.95 -12.79
N LEU B 193 0.79 31.35 -13.27
CA LEU B 193 1.79 32.12 -14.02
C LEU B 193 1.62 31.79 -15.50
N ASP B 194 2.33 32.51 -16.35
CA ASP B 194 2.34 32.18 -17.75
C ASP B 194 3.63 31.43 -18.06
N ALA B 195 3.67 30.74 -19.20
CA ALA B 195 4.77 29.85 -19.55
C ALA B 195 6.15 30.49 -19.43
N GLU B 196 6.33 31.64 -20.07
CA GLU B 196 7.63 32.30 -20.08
C GLU B 196 7.99 32.85 -18.71
N SER B 197 6.99 33.26 -17.94
CA SER B 197 7.20 33.66 -16.56
C SER B 197 7.74 32.50 -15.75
N VAL B 198 7.29 31.28 -16.05
CA VAL B 198 7.77 30.12 -15.29
C VAL B 198 9.20 29.79 -15.67
N ALA B 199 9.51 29.90 -16.96
CA ALA B 199 10.88 29.72 -17.40
C ALA B 199 11.81 30.70 -16.67
N TRP B 200 11.40 31.97 -16.58
CA TRP B 200 12.15 32.95 -15.78
C TRP B 200 12.31 32.54 -14.31
N LEU B 201 11.24 32.06 -13.71
CA LEU B 201 11.34 31.53 -12.36
C LEU B 201 12.34 30.38 -12.28
N GLU B 202 12.30 29.48 -13.26
CA GLU B 202 13.23 28.36 -13.30
C GLU B 202 14.69 28.83 -13.25
N ARG B 203 15.05 29.78 -14.11
CA ARG B 203 16.41 30.30 -14.18
C ARG B 203 16.82 30.88 -12.83
N PHE B 204 15.90 31.64 -12.24
CA PHE B 204 16.15 32.30 -10.98
C PHE B 204 16.48 31.28 -9.90
N LEU B 205 15.66 30.25 -9.78
CA LEU B 205 15.87 29.23 -8.75
C LEU B 205 17.08 28.35 -9.05
N HIS B 206 17.39 28.20 -10.33
CA HIS B 206 18.56 27.46 -10.74
C HIS B 206 19.84 28.23 -10.35
N ASP B 207 19.83 29.54 -10.63
CA ASP B 207 21.01 30.37 -10.35
C ASP B 207 21.10 30.75 -8.88
N PHE B 208 19.98 30.62 -8.19
CA PHE B 208 19.88 30.97 -6.78
C PHE B 208 20.94 30.19 -5.98
N GLU B 209 21.64 30.87 -5.08
CA GLU B 209 22.77 30.24 -4.40
C GLU B 209 22.38 29.55 -3.10
N GLY B 210 21.23 29.93 -2.56
CA GLY B 210 20.74 29.31 -1.36
C GLY B 210 20.01 28.01 -1.60
N THR B 211 19.42 27.48 -0.53
CA THR B 211 18.66 26.25 -0.58
C THR B 211 17.25 26.54 -1.07
N VAL B 212 16.75 25.70 -1.95
CA VAL B 212 15.36 25.85 -2.38
C VAL B 212 14.62 24.55 -2.11
N VAL B 213 13.55 24.64 -1.34
CA VAL B 213 12.71 23.48 -1.15
C VAL B 213 11.35 23.76 -1.76
N ALA B 214 11.04 23.07 -2.86
CA ALA B 214 9.83 23.39 -3.60
C ALA B 214 8.84 22.22 -3.79
N ILE B 215 7.58 22.46 -3.42
CA ILE B 215 6.46 21.58 -3.78
C ILE B 215 5.94 22.01 -5.13
N THR B 216 6.22 21.24 -6.18
CA THR B 216 5.73 21.61 -7.50
C THR B 216 5.46 20.39 -8.35
N HIS B 217 4.70 20.60 -9.43
CA HIS B 217 4.42 19.56 -10.39
C HIS B 217 5.16 19.83 -11.68
N ASP B 218 5.80 21.00 -11.73
CA ASP B 218 6.49 21.44 -12.94
C ASP B 218 7.73 20.59 -13.20
N ARG B 219 7.65 19.74 -14.22
CA ARG B 219 8.68 18.75 -14.48
C ARG B 219 9.98 19.34 -14.97
N TYR B 220 9.92 20.46 -15.68
CA TYR B 220 11.15 21.16 -16.03
C TYR B 220 11.89 21.69 -14.80
N PHE B 221 11.13 22.18 -13.80
CA PHE B 221 11.72 22.51 -12.50
C PHE B 221 12.42 21.29 -11.93
N LEU B 222 11.67 20.18 -11.85
CA LEU B 222 12.16 18.98 -11.18
C LEU B 222 13.33 18.33 -11.90
N ASP B 223 13.43 18.58 -13.20
CA ASP B 223 14.44 17.92 -14.01
C ASP B 223 15.67 18.81 -14.21
N ASN B 224 15.47 20.12 -14.27
CA ASN B 224 16.55 21.05 -14.55
C ASN B 224 17.14 21.68 -13.28
N VAL B 225 16.30 21.91 -12.27
CA VAL B 225 16.74 22.59 -11.07
C VAL B 225 17.03 21.61 -9.93
N ALA B 226 16.03 20.84 -9.52
CA ALA B 226 16.19 19.93 -8.40
C ALA B 226 17.27 18.89 -8.64
N GLY B 227 18.18 18.73 -7.67
CA GLY B 227 19.17 17.68 -7.71
C GLY B 227 18.79 16.59 -6.73
N TRP B 228 17.68 16.81 -6.03
CA TRP B 228 17.11 15.84 -5.10
C TRP B 228 15.60 15.89 -5.24
N ILE B 229 14.95 14.75 -5.01
CA ILE B 229 13.51 14.64 -5.03
C ILE B 229 13.09 14.07 -3.69
N LEU B 230 12.26 14.79 -2.97
CA LEU B 230 11.83 14.32 -1.66
C LEU B 230 10.38 13.88 -1.79
N GLU B 231 10.16 12.57 -1.74
CA GLU B 231 8.84 12.02 -1.98
C GLU B 231 8.16 11.57 -0.69
N LEU B 232 7.01 12.15 -0.40
CA LEU B 232 6.23 11.73 0.76
C LEU B 232 5.13 10.76 0.36
N ASP B 233 4.98 9.70 1.14
CA ASP B 233 3.95 8.72 0.88
C ASP B 233 2.97 8.56 2.06
N ARG B 234 3.27 7.69 3.00
CA ARG B 234 2.36 7.45 4.13
C ARG B 234 2.67 8.38 5.30
N GLY B 235 2.95 9.65 5.00
CA GLY B 235 3.43 10.56 6.02
C GLY B 235 4.90 10.33 6.32
N GLU B 236 5.54 9.48 5.50
CA GLU B 236 6.96 9.22 5.62
C GLU B 236 7.69 9.69 4.35
N GLY B 237 8.93 10.16 4.52
CA GLY B 237 9.68 10.74 3.42
C GLY B 237 10.77 9.86 2.82
N ILE B 238 10.79 9.77 1.50
CA ILE B 238 11.80 9.02 0.78
C ILE B 238 12.64 9.97 -0.07
N PRO B 239 13.83 10.34 0.44
CA PRO B 239 14.66 11.22 -0.39
C PRO B 239 15.31 10.45 -1.52
N TRP B 240 15.46 11.10 -2.66
CA TRP B 240 16.13 10.52 -3.80
C TRP B 240 17.16 11.47 -4.35
N GLU B 241 18.38 10.97 -4.53
CA GLU B 241 19.42 11.83 -5.04
C GLU B 241 19.44 11.78 -6.55
N GLY B 242 19.01 12.87 -7.17
CA GLY B 242 18.90 12.94 -8.62
C GLY B 242 17.69 13.77 -9.05
N ASN B 243 17.58 14.05 -10.34
CA ASN B 243 16.48 14.89 -10.80
C ASN B 243 15.24 14.07 -11.14
N TYR B 244 14.25 14.72 -11.76
CA TYR B 244 12.99 14.05 -12.08
C TYR B 244 13.21 12.79 -12.92
N SER B 245 14.00 12.91 -13.99
CA SER B 245 14.23 11.79 -14.90
CA SER B 245 14.26 11.80 -14.90
C SER B 245 14.81 10.55 -14.22
N SER B 246 15.80 10.74 -13.35
CA SER B 246 16.37 9.57 -12.66
C SER B 246 15.40 9.01 -11.63
N TRP B 247 14.57 9.88 -11.07
CA TRP B 247 13.56 9.47 -10.09
C TRP B 247 12.49 8.62 -10.77
N LEU B 248 11.98 9.13 -11.90
CA LEU B 248 11.04 8.43 -12.76
C LEU B 248 11.57 7.03 -13.09
N GLU B 249 12.84 6.96 -13.46
CA GLU B 249 13.47 5.69 -13.79
C GLU B 249 13.44 4.75 -12.58
N GLN B 250 13.77 5.30 -11.41
CA GLN B 250 13.73 4.54 -10.18
C GLN B 250 12.30 4.09 -9.85
N LYS B 251 11.34 5.00 -10.05
CA LYS B 251 9.96 4.69 -9.75
C LYS B 251 9.48 3.53 -10.62
N ASP B 252 9.86 3.55 -11.90
CA ASP B 252 9.50 2.47 -12.81
C ASP B 252 9.98 1.12 -12.27
N GLN B 253 11.23 1.08 -11.84
CA GLN B 253 11.84 -0.13 -11.28
C GLN B 253 11.15 -0.60 -10.00
N ARG B 254 10.64 0.34 -9.21
CA ARG B 254 9.90 -0.01 -8.01
C ARG B 254 8.55 -0.66 -8.35
N LEU B 255 7.95 -0.22 -9.45
CA LEU B 255 6.69 -0.79 -9.92
C LEU B 255 6.90 -2.14 -10.58
N ALA B 256 8.07 -2.32 -11.20
CA ALA B 256 8.43 -3.62 -11.72
C ALA B 256 8.60 -4.61 -10.57
N GLN B 257 9.21 -4.14 -9.48
CA GLN B 257 9.46 -5.03 -8.35
C GLN B 257 8.15 -5.42 -7.69
N GLU B 258 7.30 -4.44 -7.46
CA GLU B 258 6.00 -4.66 -6.85
C GLU B 258 5.15 -5.61 -7.69
N ALA B 259 5.17 -5.40 -9.01
CA ALA B 259 4.45 -6.26 -9.94
C ALA B 259 4.91 -7.72 -9.87
N SER B 260 6.20 -7.93 -9.67
CA SER B 260 6.73 -9.28 -9.68
C SER B 260 6.52 -10.01 -8.35
N GLN B 261 6.47 -9.24 -7.26
CA GLN B 261 6.23 -9.84 -5.96
C GLN B 261 4.79 -10.32 -5.87
N GLU B 262 3.88 -9.59 -6.52
CA GLU B 262 2.48 -9.95 -6.48
C GLU B 262 2.17 -11.10 -7.40
N ALA B 263 2.86 -11.15 -8.53
CA ALA B 263 2.73 -12.25 -9.47
C ALA B 263 3.21 -13.56 -8.83
N ALA B 264 4.24 -13.47 -7.98
CA ALA B 264 4.70 -14.63 -7.26
C ALA B 264 3.63 -15.07 -6.27
N ARG B 265 3.11 -14.11 -5.50
CA ARG B 265 2.04 -14.38 -4.55
C ARG B 265 0.78 -14.86 -5.26
N ARG B 266 0.46 -14.25 -6.38
CA ARG B 266 -0.72 -14.64 -7.17
C ARG B 266 -0.59 -16.04 -7.76
N LYS B 267 0.61 -16.42 -8.15
CA LYS B 267 0.84 -17.77 -8.65
C LYS B 267 0.65 -18.81 -7.55
N SER B 268 1.05 -18.48 -6.32
CA SER B 268 0.91 -19.38 -5.19
C SER B 268 -0.55 -19.61 -4.90
N ILE B 269 -1.30 -18.52 -4.94
CA ILE B 269 -2.75 -18.59 -4.72
C ILE B 269 -3.43 -19.45 -5.78
N GLU B 270 -3.04 -19.26 -7.03
CA GLU B 270 -3.67 -19.97 -8.15
C GLU B 270 -3.41 -21.48 -8.15
N LYS B 271 -2.26 -21.89 -7.63
CA LYS B 271 -1.97 -23.31 -7.43
C LYS B 271 -2.95 -23.91 -6.40
N GLU B 272 -3.15 -23.24 -5.27
CA GLU B 272 -4.08 -23.73 -4.25
C GLU B 272 -5.52 -23.62 -4.72
N LEU B 273 -5.82 -22.59 -5.49
CA LEU B 273 -7.14 -22.47 -6.09
C LEU B 273 -7.49 -23.69 -6.94
N GLU B 274 -6.51 -24.22 -7.66
CA GLU B 274 -6.68 -25.43 -8.47
C GLU B 274 -7.10 -26.61 -7.60
N TRP B 275 -6.44 -26.77 -6.47
CA TRP B 275 -6.74 -27.88 -5.57
C TRP B 275 -8.11 -27.70 -4.94
N VAL B 276 -8.41 -26.49 -4.50
CA VAL B 276 -9.70 -26.20 -3.90
C VAL B 276 -10.85 -26.49 -4.86
N ARG B 277 -10.73 -25.99 -6.09
CA ARG B 277 -11.80 -26.10 -7.09
C ARG B 277 -12.14 -27.54 -7.46
N GLN B 278 -11.25 -28.47 -7.12
CA GLN B 278 -11.52 -29.89 -7.34
C GLN B 278 -12.24 -30.50 -6.15
N GLY B 279 -11.95 -29.98 -4.96
CA GLY B 279 -12.54 -30.48 -3.73
C GLY B 279 -11.77 -30.04 -2.50
N ARG B 283 -8.33 -33.04 -3.49
CA ARG B 283 -8.91 -34.26 -4.02
C ARG B 283 -8.06 -35.49 -3.70
N GLN B 284 -7.85 -36.34 -4.71
CA GLN B 284 -7.11 -37.60 -4.54
C GLN B 284 -5.68 -37.39 -4.02
N SER B 285 -5.05 -38.48 -3.56
CA SER B 285 -3.68 -38.43 -3.06
C SER B 285 -2.66 -38.09 -4.14
N LYS B 286 -2.97 -38.48 -5.38
CA LYS B 286 -2.14 -38.17 -6.54
C LYS B 286 -0.68 -38.62 -6.41
N GLY B 287 -0.44 -39.65 -5.60
CA GLY B 287 0.89 -40.18 -5.43
C GLY B 287 1.40 -40.76 -6.73
N LYS B 288 0.50 -41.39 -7.49
CA LYS B 288 0.83 -41.96 -8.79
C LYS B 288 1.16 -40.84 -9.77
N ALA B 289 0.48 -39.72 -9.61
CA ALA B 289 0.77 -38.52 -10.40
C ALA B 289 2.16 -38.04 -10.05
N ARG B 290 2.46 -37.96 -8.75
CA ARG B 290 3.76 -37.50 -8.32
C ARG B 290 4.87 -38.49 -8.65
N LEU B 291 4.55 -39.78 -8.69
CA LEU B 291 5.52 -40.77 -9.10
C LEU B 291 5.77 -40.71 -10.61
N ALA B 292 4.71 -40.48 -11.36
CA ALA B 292 4.81 -40.38 -12.82
C ALA B 292 5.59 -39.15 -13.24
N ARG B 293 5.67 -38.17 -12.35
CA ARG B 293 6.33 -36.91 -12.66
C ARG B 293 7.74 -36.85 -12.09
N PHE B 294 8.15 -37.95 -11.46
CA PHE B 294 9.47 -38.01 -10.83
C PHE B 294 10.60 -37.57 -11.75
N GLU B 295 10.57 -38.05 -12.98
CA GLU B 295 11.54 -37.65 -14.00
C GLU B 295 11.44 -36.17 -14.30
N GLU B 296 10.21 -35.70 -14.53
CA GLU B 296 9.94 -34.29 -14.86
C GLU B 296 10.47 -33.39 -13.75
N LEU B 297 10.14 -33.71 -12.51
CA LEU B 297 10.61 -32.96 -11.35
C LEU B 297 12.14 -32.94 -11.24
N ASN B 298 12.80 -34.01 -11.64
CA ASN B 298 14.25 -34.09 -11.48
C ASN B 298 15.07 -33.43 -12.60
N SER B 299 14.42 -33.13 -13.71
CA SER B 299 15.04 -32.33 -14.77
C SER B 299 15.62 -31.02 -14.23
N THR B 300 16.87 -30.74 -14.59
CA THR B 300 17.57 -29.56 -14.13
C THR B 300 16.99 -28.27 -14.72
N GLU B 301 16.55 -28.35 -15.98
CA GLU B 301 15.93 -27.20 -16.61
C GLU B 301 14.55 -26.97 -16.02
N TYR B 302 13.89 -28.03 -15.59
CA TYR B 302 12.58 -27.89 -14.94
C TYR B 302 12.66 -27.11 -13.63
N GLN B 303 13.55 -27.53 -12.76
CA GLN B 303 13.72 -26.89 -11.46
C GLN B 303 14.21 -25.45 -11.58
N LYS B 304 14.86 -25.13 -12.69
CA LYS B 304 15.35 -23.77 -12.89
C LYS B 304 14.19 -22.77 -12.93
N ARG B 305 13.04 -23.23 -13.39
CA ARG B 305 11.86 -22.38 -13.46
C ARG B 305 11.24 -22.12 -12.09
N ASN B 306 11.44 -23.03 -11.13
CA ASN B 306 10.85 -22.90 -9.82
C ASN B 306 11.60 -21.92 -8.91
N GLU B 307 12.79 -21.49 -9.35
CA GLU B 307 13.62 -20.61 -8.55
C GLU B 307 12.92 -19.31 -8.18
N THR B 308 12.07 -18.82 -9.09
CA THR B 308 11.30 -17.60 -8.90
C THR B 308 10.00 -17.80 -8.10
N ASN B 309 9.75 -19.02 -7.62
CA ASN B 309 8.57 -19.28 -6.78
C ASN B 309 8.73 -18.62 -5.42
N GLU B 310 7.61 -18.35 -4.75
CA GLU B 310 7.61 -17.74 -3.42
C GLU B 310 8.58 -18.47 -2.51
N LEU B 311 8.42 -19.79 -2.45
CA LEU B 311 9.39 -20.64 -1.77
C LEU B 311 10.04 -21.61 -2.76
N PHE B 312 11.37 -21.67 -2.72
CA PHE B 312 12.13 -22.63 -3.51
C PHE B 312 13.02 -23.50 -2.65
N ILE B 313 12.75 -24.79 -2.68
CA ILE B 313 13.56 -25.75 -1.94
C ILE B 313 14.66 -26.29 -2.85
N PRO B 314 15.92 -26.29 -2.36
CA PRO B 314 17.05 -26.88 -3.09
C PRO B 314 16.70 -28.32 -3.51
N PRO B 315 16.87 -28.65 -4.79
CA PRO B 315 16.45 -29.93 -5.38
C PRO B 315 17.06 -31.15 -4.72
N GLY B 316 18.34 -31.08 -4.35
CA GLY B 316 19.04 -32.22 -3.79
C GLY B 316 19.55 -33.18 -4.85
N PRO B 317 20.44 -34.12 -4.46
CA PRO B 317 20.93 -35.04 -5.49
C PRO B 317 19.80 -35.96 -5.92
N ARG B 318 19.90 -36.52 -7.12
CA ARG B 318 18.90 -37.44 -7.63
C ARG B 318 18.77 -38.71 -6.77
N LEU B 319 17.54 -39.02 -6.39
CA LEU B 319 17.24 -40.16 -5.56
C LEU B 319 17.29 -41.41 -6.40
N GLY B 320 17.84 -42.50 -5.85
CA GLY B 320 17.75 -43.79 -6.50
C GLY B 320 16.47 -44.50 -6.09
N ASP B 321 16.29 -45.73 -6.55
CA ASP B 321 15.09 -46.52 -6.23
C ASP B 321 15.08 -46.93 -4.77
N LYS B 322 16.26 -47.27 -4.27
CA LYS B 322 16.40 -47.64 -2.88
C LYS B 322 16.52 -46.37 -2.05
N VAL B 323 15.55 -46.12 -1.18
CA VAL B 323 15.53 -44.90 -0.41
C VAL B 323 15.58 -45.20 1.08
N LEU B 324 14.46 -45.64 1.64
CA LEU B 324 14.36 -45.91 3.06
C LEU B 324 13.59 -47.19 3.30
N GLU B 325 14.20 -48.08 4.07
CA GLU B 325 13.57 -49.34 4.40
C GLU B 325 13.69 -49.55 5.88
N VAL B 326 12.54 -49.64 6.54
CA VAL B 326 12.51 -49.86 7.98
C VAL B 326 11.91 -51.25 8.22
N SER B 327 12.53 -52.01 9.12
CA SER B 327 12.06 -53.35 9.37
C SER B 327 12.07 -53.73 10.86
N ASN B 328 10.90 -54.11 11.36
CA ASN B 328 10.74 -54.61 12.73
C ASN B 328 11.30 -53.66 13.77
N LEU B 329 11.08 -52.36 13.56
CA LEU B 329 11.67 -51.32 14.39
C LEU B 329 11.04 -51.28 15.76
N ARG B 330 11.89 -51.35 16.78
CA ARG B 330 11.44 -51.26 18.16
C ARG B 330 12.26 -50.21 18.88
N LYS B 331 11.57 -49.37 19.66
CA LYS B 331 12.25 -48.37 20.46
C LYS B 331 11.41 -48.04 21.69
N SER B 332 12.08 -47.92 22.83
CA SER B 332 11.44 -47.47 24.06
C SER B 332 12.23 -46.34 24.66
N TYR B 333 11.56 -45.54 25.48
CA TYR B 333 12.21 -44.50 26.25
C TYR B 333 11.88 -44.72 27.73
N GLY B 334 12.87 -45.18 28.48
CA GLY B 334 12.64 -45.56 29.87
C GLY B 334 11.71 -46.74 29.96
N ASP B 335 10.58 -46.57 30.65
CA ASP B 335 9.60 -47.64 30.78
C ASP B 335 8.55 -47.59 29.68
N ARG B 336 8.51 -46.50 28.93
CA ARG B 336 7.48 -46.32 27.91
C ARG B 336 7.89 -46.71 26.51
N LEU B 337 7.14 -47.67 25.96
CA LEU B 337 7.28 -48.09 24.58
C LEU B 337 6.87 -46.93 23.67
N LEU B 338 7.66 -46.67 22.64
CA LEU B 338 7.33 -45.61 21.69
C LEU B 338 6.90 -46.25 20.37
N ILE B 339 7.72 -47.18 19.91
CA ILE B 339 7.47 -47.88 18.67
C ILE B 339 7.70 -49.38 18.86
N ASP B 340 6.75 -50.19 18.39
CA ASP B 340 6.89 -51.63 18.43
C ASP B 340 6.62 -52.22 17.06
N ASP B 341 7.54 -53.03 16.57
CA ASP B 341 7.34 -53.81 15.34
C ASP B 341 6.89 -53.01 14.12
N LEU B 342 7.57 -51.89 13.84
CA LEU B 342 7.22 -51.07 12.66
C LEU B 342 8.00 -51.49 11.39
N SER B 343 7.27 -51.68 10.30
CA SER B 343 7.85 -52.02 9.00
C SER B 343 7.23 -51.18 7.87
N PHE B 344 8.06 -50.52 7.09
CA PHE B 344 7.61 -49.79 5.91
C PHE B 344 8.78 -49.48 4.97
N SER B 345 8.50 -49.36 3.69
CA SER B 345 9.48 -48.83 2.75
C SER B 345 8.90 -47.59 2.09
N ILE B 346 9.78 -46.68 1.70
CA ILE B 346 9.40 -45.39 1.15
C ILE B 346 9.89 -45.30 -0.29
N PRO B 347 8.96 -45.29 -1.26
CA PRO B 347 9.35 -45.17 -2.67
C PRO B 347 9.90 -43.77 -2.96
N LYS B 348 10.67 -43.61 -4.03
CA LYS B 348 11.29 -42.30 -4.30
C LYS B 348 10.24 -41.24 -4.63
N GLY B 349 10.45 -40.04 -4.09
CA GLY B 349 9.53 -38.93 -4.29
C GLY B 349 8.37 -38.94 -3.29
N ALA B 350 8.39 -39.85 -2.33
CA ALA B 350 7.32 -39.98 -1.37
C ALA B 350 7.32 -38.82 -0.39
N ILE B 351 6.14 -38.30 -0.09
CA ILE B 351 5.98 -37.35 0.99
C ILE B 351 5.11 -38.00 2.06
N VAL B 352 5.70 -38.23 3.23
CA VAL B 352 4.98 -38.95 4.28
C VAL B 352 4.54 -37.99 5.38
N GLY B 353 3.23 -37.83 5.53
CA GLY B 353 2.69 -37.11 6.66
C GLY B 353 2.78 -37.96 7.92
N ILE B 354 3.24 -37.37 9.01
CA ILE B 354 3.35 -38.08 10.28
C ILE B 354 2.50 -37.44 11.37
N ILE B 355 1.59 -38.24 11.92
CA ILE B 355 0.65 -37.74 12.91
C ILE B 355 0.66 -38.62 14.15
N GLY B 356 0.12 -38.06 15.22
CA GLY B 356 -0.13 -38.82 16.44
C GLY B 356 0.00 -37.94 17.66
N PRO B 357 -0.51 -38.41 18.80
CA PRO B 357 -0.41 -37.67 20.07
C PRO B 357 1.05 -37.39 20.42
N ASN B 358 1.33 -36.31 21.13
CA ASN B 358 2.70 -36.01 21.53
C ASN B 358 3.25 -37.07 22.49
N GLY B 359 4.56 -37.22 22.52
CA GLY B 359 5.17 -38.27 23.32
C GLY B 359 4.92 -39.69 22.81
N ALA B 360 4.39 -39.83 21.59
CA ALA B 360 4.15 -41.15 21.02
C ALA B 360 5.40 -41.68 20.32
N GLY B 361 6.34 -40.79 20.04
CA GLY B 361 7.62 -41.20 19.49
C GLY B 361 7.87 -40.71 18.07
N LYS B 362 7.12 -39.69 17.67
CA LYS B 362 7.24 -39.17 16.32
C LYS B 362 8.64 -38.63 16.03
N SER B 363 9.15 -37.73 16.87
CA SER B 363 10.46 -37.13 16.60
C SER B 363 11.56 -38.17 16.72
N THR B 364 11.33 -39.18 17.53
CA THR B 364 12.29 -40.24 17.78
C THR B 364 12.64 -41.03 16.53
N LEU B 365 11.66 -41.22 15.65
CA LEU B 365 11.94 -41.90 14.40
C LEU B 365 12.98 -41.11 13.62
N PHE B 366 12.84 -39.79 13.56
CA PHE B 366 13.80 -38.96 12.84
C PHE B 366 15.20 -39.06 13.45
N ARG B 367 15.27 -39.10 14.77
CA ARG B 367 16.58 -39.14 15.41
C ARG B 367 17.24 -40.47 15.13
N ILE B 369 16.52 -42.28 12.22
CA ILE B 369 16.92 -42.17 10.82
C ILE B 369 18.20 -41.35 10.70
N SER B 370 18.30 -40.28 11.48
CA SER B 370 19.50 -39.43 11.46
C SER B 370 20.74 -40.12 12.03
N GLY B 371 20.52 -41.16 12.84
CA GLY B 371 21.61 -41.91 13.41
C GLY B 371 22.11 -41.29 14.71
N GLN B 372 21.33 -40.35 15.24
CA GLN B 372 21.61 -39.74 16.54
C GLN B 372 21.30 -40.73 17.64
N GLU B 373 20.17 -41.43 17.50
CA GLU B 373 19.76 -42.42 18.47
C GLU B 373 19.73 -43.78 17.80
N GLN B 374 19.67 -44.83 18.60
CA GLN B 374 19.70 -46.19 18.06
C GLN B 374 18.41 -46.95 18.39
N PRO B 375 17.98 -47.83 17.49
CA PRO B 375 16.84 -48.70 17.74
C PRO B 375 17.18 -49.81 18.72
N ASP B 376 16.29 -50.09 19.66
CA ASP B 376 16.43 -51.21 20.58
C ASP B 376 16.40 -52.52 19.82
N SER B 377 15.56 -52.57 18.79
CA SER B 377 15.51 -53.71 17.89
C SER B 377 15.09 -53.29 16.49
N GLY B 378 15.40 -54.13 15.50
CA GLY B 378 15.04 -53.88 14.11
C GLY B 378 16.11 -53.10 13.37
N THR B 379 15.82 -52.73 12.12
CA THR B 379 16.79 -52.00 11.31
C THR B 379 16.19 -50.89 10.46
N ILE B 380 17.00 -49.86 10.23
CA ILE B 380 16.67 -48.78 9.34
C ILE B 380 17.74 -48.72 8.27
N THR B 381 17.36 -48.90 7.01
CA THR B 381 18.35 -48.90 5.94
C THR B 381 18.12 -47.76 4.93
N LEU B 382 19.14 -46.94 4.73
CA LEU B 382 19.07 -45.89 3.71
C LEU B 382 19.84 -46.30 2.46
N GLY B 383 19.34 -45.86 1.31
CA GLY B 383 20.00 -46.12 0.05
C GLY B 383 21.21 -45.22 -0.09
N GLU B 384 22.15 -45.62 -0.94
CA GLU B 384 23.39 -44.89 -1.14
C GLU B 384 23.19 -43.42 -1.50
N THR B 385 22.14 -43.14 -2.26
CA THR B 385 21.93 -41.80 -2.80
C THR B 385 21.31 -40.84 -1.81
N VAL B 386 20.83 -41.37 -0.67
CA VAL B 386 20.07 -40.55 0.28
C VAL B 386 20.96 -39.55 1.01
N LYS B 387 20.55 -38.29 0.99
CA LYS B 387 21.22 -37.30 1.82
C LYS B 387 20.19 -36.59 2.68
N LEU B 388 20.29 -36.78 3.98
CA LEU B 388 19.33 -36.23 4.92
C LEU B 388 19.44 -34.71 5.08
N ALA B 389 18.28 -34.10 5.35
CA ALA B 389 18.21 -32.74 5.86
C ALA B 389 17.18 -32.75 7.00
N SER B 390 17.66 -32.64 8.24
CA SER B 390 16.79 -32.63 9.41
C SER B 390 16.46 -31.20 9.82
N VAL B 391 15.18 -30.90 9.98
CA VAL B 391 14.78 -29.62 10.55
C VAL B 391 13.90 -29.83 11.77
N ASP B 392 14.47 -29.64 12.95
CA ASP B 392 13.76 -29.84 14.20
C ASP B 392 12.67 -28.79 14.43
N GLN B 393 11.89 -28.96 15.49
CA GLN B 393 10.69 -28.15 15.73
C GLN B 393 10.96 -26.86 16.46
N PHE B 394 12.21 -26.67 16.89
CA PHE B 394 12.56 -25.53 17.73
C PHE B 394 12.87 -24.32 16.89
N ARG B 395 12.58 -23.13 17.41
CA ARG B 395 12.86 -21.90 16.67
C ARG B 395 13.79 -21.06 17.51
N ASP B 396 14.45 -21.71 18.46
CA ASP B 396 15.32 -21.01 19.39
C ASP B 396 16.59 -20.47 18.73
N SER B 397 16.95 -19.25 19.10
CA SER B 397 18.19 -18.65 18.64
C SER B 397 19.02 -18.23 19.85
N ASP B 399 21.16 -16.11 19.97
CA ASP B 399 21.35 -14.68 19.92
C ASP B 399 20.37 -14.05 18.95
N ASN B 400 19.21 -13.63 19.48
CA ASN B 400 18.14 -13.10 18.65
C ASN B 400 18.45 -11.71 18.12
N SER B 401 19.67 -11.25 18.37
CA SER B 401 20.10 -9.92 17.93
C SER B 401 20.60 -9.93 16.49
N LYS B 402 20.82 -11.13 15.94
CA LYS B 402 21.33 -11.26 14.59
C LYS B 402 20.24 -11.05 13.54
N THR B 403 20.64 -10.60 12.36
CA THR B 403 19.66 -10.42 11.30
C THR B 403 19.32 -11.75 10.65
N VAL B 404 18.26 -11.73 9.85
CA VAL B 404 17.88 -12.86 9.03
C VAL B 404 19.05 -13.36 8.17
N TRP B 405 19.69 -12.46 7.45
CA TRP B 405 20.79 -12.86 6.59
C TRP B 405 21.99 -13.40 7.36
N GLU B 406 22.28 -12.83 8.51
CA GLU B 406 23.39 -13.31 9.31
C GLU B 406 23.13 -14.71 9.82
N GLU B 407 21.90 -14.96 10.25
CA GLU B 407 21.54 -16.24 10.84
C GLU B 407 21.59 -17.36 9.81
N VAL B 408 21.22 -17.05 8.57
CA VAL B 408 21.23 -18.05 7.50
C VAL B 408 22.63 -18.24 6.92
N SER B 409 23.30 -17.12 6.66
CA SER B 409 24.57 -17.15 5.91
C SER B 409 25.80 -17.28 6.79
N GLY B 410 25.71 -16.84 8.03
CA GLY B 410 26.87 -16.81 8.91
C GLY B 410 27.83 -15.71 8.47
N GLY B 411 27.35 -14.80 7.63
CA GLY B 411 28.19 -13.75 7.07
C GLY B 411 28.87 -14.11 5.76
N LEU B 412 28.53 -15.26 5.20
CA LEU B 412 29.10 -15.68 3.92
C LEU B 412 28.37 -15.04 2.74
N ASP B 413 29.13 -14.47 1.81
CA ASP B 413 28.55 -13.90 0.60
C ASP B 413 28.19 -15.00 -0.41
N ILE B 414 28.95 -16.09 -0.35
CA ILE B 414 28.72 -17.24 -1.20
C ILE B 414 28.51 -18.48 -0.35
N LYS B 416 27.56 -22.74 -0.18
CA LYS B 416 27.44 -24.04 -0.81
C LYS B 416 26.08 -24.59 -0.41
N ILE B 417 25.12 -24.46 -1.31
CA ILE B 417 23.79 -25.02 -1.11
C ILE B 417 23.74 -26.36 -1.83
N GLY B 418 23.64 -27.44 -1.07
CA GLY B 418 23.76 -28.75 -1.68
C GLY B 418 25.15 -28.89 -2.27
N ASN B 419 25.23 -29.14 -3.58
CA ASN B 419 26.52 -29.21 -4.27
C ASN B 419 26.80 -27.97 -5.10
N THR B 420 26.02 -26.92 -4.88
CA THR B 420 26.11 -25.72 -5.71
C THR B 420 26.48 -24.45 -4.95
N GLU B 421 27.51 -23.77 -5.42
CA GLU B 421 27.83 -22.45 -4.90
C GLU B 421 26.86 -21.40 -5.46
N PRO B 423 25.12 -17.07 -4.40
CA PRO B 423 25.04 -15.93 -3.48
C PRO B 423 24.09 -16.22 -2.34
N SER B 424 24.51 -15.92 -1.12
CA SER B 424 23.70 -16.21 0.06
C SER B 424 22.45 -15.32 0.10
N ARG B 425 22.57 -14.11 -0.43
CA ARG B 425 21.44 -13.19 -0.47
C ARG B 425 20.35 -13.75 -1.38
N ALA B 426 20.79 -14.39 -2.46
CA ALA B 426 19.88 -15.03 -3.39
C ALA B 426 19.24 -16.25 -2.73
N TYR B 427 20.04 -17.01 -1.98
CA TYR B 427 19.48 -18.17 -1.30
C TYR B 427 18.42 -17.74 -0.30
N VAL B 428 18.71 -16.69 0.46
CA VAL B 428 17.77 -16.20 1.47
C VAL B 428 16.48 -15.67 0.83
N GLY B 429 16.62 -15.04 -0.33
CA GLY B 429 15.49 -14.54 -1.07
C GLY B 429 14.59 -15.65 -1.58
N ARG B 430 15.14 -16.83 -1.72
CA ARG B 430 14.37 -17.96 -2.22
C ARG B 430 13.50 -18.55 -1.12
N PHE B 431 13.67 -18.03 0.10
CA PHE B 431 12.78 -18.34 1.21
C PHE B 431 11.87 -17.16 1.59
N ASN B 432 11.60 -16.31 0.60
CA ASN B 432 10.74 -15.13 0.76
C ASN B 432 11.19 -14.14 1.83
N PHE B 433 12.50 -14.00 2.03
CA PHE B 433 13.01 -12.87 2.79
C PHE B 433 13.57 -11.88 1.78
N LYS B 434 12.82 -10.82 1.51
CA LYS B 434 13.24 -9.82 0.55
C LYS B 434 14.35 -8.98 1.15
N GLY B 435 14.99 -8.15 0.33
CA GLY B 435 16.13 -7.36 0.75
C GLY B 435 15.87 -6.52 2.00
N VAL B 436 14.74 -5.85 2.02
CA VAL B 436 14.40 -5.01 3.16
C VAL B 436 14.14 -5.85 4.42
N ASP B 437 13.76 -7.11 4.23
CA ASP B 437 13.49 -7.99 5.35
C ASP B 437 14.79 -8.54 5.94
N GLN B 438 15.81 -8.68 5.11
CA GLN B 438 17.04 -9.37 5.52
C GLN B 438 17.82 -8.77 6.69
N GLY B 439 17.61 -7.49 6.97
CA GLY B 439 18.27 -6.84 8.09
C GLY B 439 17.45 -6.81 9.39
N LYS B 440 16.38 -7.59 9.43
CA LYS B 440 15.57 -7.67 10.64
C LYS B 440 16.22 -8.62 11.63
N ARG B 441 16.25 -8.23 12.89
CA ARG B 441 16.78 -9.07 13.93
C ARG B 441 15.84 -10.24 14.17
N VAL B 442 16.41 -11.38 14.53
CA VAL B 442 15.62 -12.57 14.82
C VAL B 442 14.54 -12.29 15.88
N GLY B 443 14.88 -11.50 16.89
CA GLY B 443 13.93 -11.14 17.93
C GLY B 443 12.73 -10.31 17.45
N GLU B 444 12.87 -9.65 16.32
CA GLU B 444 11.81 -8.79 15.78
C GLU B 444 10.82 -9.54 14.93
N LEU B 445 11.10 -10.81 14.64
CA LEU B 445 10.31 -11.57 13.69
C LEU B 445 9.13 -12.25 14.37
N SER B 446 8.04 -12.42 13.63
CA SER B 446 6.92 -13.19 14.14
C SER B 446 7.35 -14.64 14.31
N GLY B 447 6.57 -15.41 15.08
CA GLY B 447 6.82 -16.83 15.22
C GLY B 447 6.83 -17.54 13.87
N GLY B 448 5.96 -17.10 12.97
CA GLY B 448 5.86 -17.68 11.64
C GLY B 448 7.07 -17.34 10.80
N GLU B 449 7.67 -16.18 11.06
CA GLU B 449 8.86 -15.78 10.34
C GLU B 449 10.09 -16.54 10.84
N ARG B 450 10.09 -16.84 12.13
CA ARG B 450 11.20 -17.57 12.74
C ARG B 450 11.22 -19.01 12.26
N GLY B 451 10.04 -19.51 11.91
CA GLY B 451 9.90 -20.86 11.40
C GLY B 451 10.30 -20.93 9.94
N ARG B 452 10.10 -19.82 9.24
CA ARG B 452 10.56 -19.76 7.86
C ARG B 452 12.07 -19.55 7.84
N LEU B 453 12.57 -18.78 8.81
CA LEU B 453 14.02 -18.61 8.96
C LEU B 453 14.70 -19.96 9.27
N HIS B 454 14.09 -20.73 10.15
CA HIS B 454 14.64 -21.98 10.63
C HIS B 454 14.82 -22.98 9.48
N LEU B 455 13.79 -23.05 8.65
CA LEU B 455 13.78 -23.87 7.47
C LEU B 455 14.88 -23.44 6.49
N ALA B 456 14.90 -22.17 6.15
CA ALA B 456 15.88 -21.63 5.20
C ALA B 456 17.26 -22.02 5.66
N LYS B 457 17.49 -21.83 6.96
CA LYS B 457 18.77 -22.11 7.57
C LYS B 457 19.19 -23.58 7.48
N LEU B 458 18.31 -24.50 7.85
CA LEU B 458 18.72 -25.90 7.93
C LEU B 458 18.64 -26.62 6.59
N LEU B 459 17.84 -26.11 5.66
CA LEU B 459 17.73 -26.74 4.35
C LEU B 459 18.94 -26.48 3.45
N GLN B 460 19.87 -25.66 3.92
CA GLN B 460 21.02 -25.25 3.12
C GLN B 460 21.92 -26.43 2.73
N VAL B 461 21.74 -27.58 3.40
CA VAL B 461 22.55 -28.77 3.13
C VAL B 461 22.18 -29.45 1.82
N GLY B 462 20.98 -29.20 1.31
CA GLY B 462 20.56 -29.69 0.02
C GLY B 462 20.30 -31.18 0.00
N GLY B 463 19.54 -31.64 0.99
CA GLY B 463 19.22 -33.05 1.11
C GLY B 463 18.13 -33.46 0.15
N ASN B 464 18.09 -34.75 -0.18
CA ASN B 464 17.02 -35.29 -1.03
C ASN B 464 16.02 -36.09 -0.21
N LEU B 466 13.96 -34.99 3.22
CA LEU B 466 13.74 -33.94 4.22
C LEU B 466 12.98 -34.47 5.44
N LEU B 467 13.61 -34.39 6.61
CA LEU B 467 12.96 -34.78 7.86
C LEU B 467 12.44 -33.54 8.58
N LEU B 468 11.17 -33.22 8.38
CA LEU B 468 10.62 -31.96 8.89
C LEU B 468 9.71 -32.16 10.09
N ASP B 469 10.18 -31.75 11.26
CA ASP B 469 9.44 -31.92 12.50
C ASP B 469 8.64 -30.65 12.81
N GLU B 470 7.35 -30.69 12.48
CA GLU B 470 6.44 -29.56 12.76
C GLU B 470 6.88 -28.22 12.16
N PRO B 471 7.22 -28.21 10.87
CA PRO B 471 7.59 -26.91 10.29
C PRO B 471 6.35 -26.05 10.13
N THR B 472 5.18 -26.69 10.11
CA THR B 472 3.91 -26.02 9.86
C THR B 472 3.31 -25.39 11.11
N ASN B 473 3.89 -25.65 12.29
CA ASN B 473 3.19 -25.34 13.53
C ASN B 473 2.72 -23.89 13.71
N ASP B 474 3.57 -22.94 13.31
CA ASP B 474 3.36 -21.53 13.61
C ASP B 474 3.33 -20.63 12.38
N LEU B 475 3.43 -21.25 11.21
CA LEU B 475 3.45 -20.52 9.95
C LEU B 475 2.10 -19.90 9.61
N ASP B 476 2.14 -18.75 8.95
CA ASP B 476 0.92 -18.11 8.49
C ASP B 476 0.47 -18.73 7.17
N ILE B 477 -0.71 -18.34 6.69
CA ILE B 477 -1.34 -19.02 5.56
C ILE B 477 -0.57 -18.90 4.25
N GLU B 478 -0.08 -17.70 3.95
CA GLU B 478 0.72 -17.50 2.74
C GLU B 478 1.98 -18.36 2.76
N THR B 479 2.60 -18.50 3.93
CA THR B 479 3.79 -19.35 4.06
C THR B 479 3.44 -20.82 3.92
N LEU B 480 2.39 -21.26 4.62
CA LEU B 480 1.94 -22.64 4.54
C LEU B 480 1.69 -23.00 3.10
N ARG B 481 0.97 -22.12 2.40
CA ARG B 481 0.58 -22.35 1.01
C ARG B 481 1.84 -22.44 0.13
N ALA B 482 2.78 -21.55 0.41
CA ALA B 482 4.01 -21.48 -0.35
C ALA B 482 4.86 -22.72 -0.08
N LEU B 483 4.86 -23.18 1.16
CA LEU B 483 5.58 -24.38 1.55
C LEU B 483 5.04 -25.63 0.87
N GLU B 484 3.71 -25.79 0.90
CA GLU B 484 3.06 -26.89 0.19
C GLU B 484 3.45 -26.88 -1.28
N ASN B 485 3.30 -25.72 -1.90
CA ASN B 485 3.64 -25.56 -3.30
C ASN B 485 5.09 -25.96 -3.59
N ALA B 486 6.00 -25.56 -2.72
CA ALA B 486 7.42 -25.88 -2.87
C ALA B 486 7.69 -27.37 -2.66
N LEU B 487 6.95 -27.99 -1.75
CA LEU B 487 7.11 -29.42 -1.53
C LEU B 487 6.58 -30.21 -2.71
N LEU B 488 5.49 -29.74 -3.31
CA LEU B 488 4.97 -30.40 -4.51
C LEU B 488 5.97 -30.36 -5.67
N GLU B 489 6.88 -29.40 -5.66
CA GLU B 489 7.88 -29.26 -6.71
C GLU B 489 9.21 -29.94 -6.37
N PHE B 490 9.41 -30.28 -5.09
CA PHE B 490 10.64 -30.92 -4.63
C PHE B 490 10.81 -32.29 -5.27
N PRO B 491 11.98 -32.51 -5.91
CA PRO B 491 12.32 -33.76 -6.59
C PRO B 491 12.55 -34.95 -5.66
N GLY B 492 12.77 -34.69 -4.37
CA GLY B 492 13.17 -35.76 -3.47
C GLY B 492 12.07 -36.30 -2.59
N CYS B 493 12.44 -36.79 -1.43
CA CYS B 493 11.49 -37.29 -0.45
C CYS B 493 11.32 -36.34 0.74
N ALA B 494 10.17 -36.43 1.41
CA ALA B 494 9.98 -35.68 2.65
C ALA B 494 9.19 -36.50 3.65
N VAL B 496 7.16 -35.40 7.10
CA VAL B 496 6.74 -34.18 7.78
C VAL B 496 5.75 -34.50 8.89
N ILE B 497 6.21 -34.31 10.13
CA ILE B 497 5.32 -34.35 11.27
C ILE B 497 4.55 -33.04 11.29
N SER B 498 3.22 -33.12 11.29
CA SER B 498 2.37 -31.95 11.16
C SER B 498 0.97 -32.22 11.71
N HIS B 499 0.33 -31.19 12.26
CA HIS B 499 -1.05 -31.31 12.70
C HIS B 499 -1.95 -30.38 11.89
N ASP B 500 -1.46 -29.99 10.72
CA ASP B 500 -2.21 -29.21 9.75
C ASP B 500 -2.74 -30.17 8.70
N ARG B 501 -4.03 -30.45 8.76
CA ARG B 501 -4.65 -31.47 7.91
C ARG B 501 -4.78 -31.03 6.46
N TRP B 502 -4.95 -29.73 6.23
CA TRP B 502 -5.05 -29.22 4.87
C TRP B 502 -3.70 -29.42 4.19
N PHE B 503 -2.64 -29.05 4.90
CA PHE B 503 -1.27 -29.23 4.45
C PHE B 503 -1.02 -30.70 4.09
N LEU B 504 -1.45 -31.61 4.95
CA LEU B 504 -1.22 -33.03 4.71
C LEU B 504 -2.04 -33.54 3.51
N ASP B 505 -3.27 -33.09 3.39
CA ASP B 505 -4.11 -33.50 2.28
C ASP B 505 -3.55 -33.04 0.91
N ARG B 506 -2.96 -31.86 0.88
CA ARG B 506 -2.40 -31.33 -0.36
C ARG B 506 -1.16 -32.08 -0.83
N ILE B 507 -0.28 -32.45 0.10
CA ILE B 507 1.05 -32.95 -0.27
C ILE B 507 1.33 -34.41 0.09
N ALA B 508 0.67 -34.94 1.13
CA ALA B 508 1.03 -36.28 1.58
C ALA B 508 0.67 -37.38 0.58
N THR B 509 1.62 -38.27 0.34
CA THR B 509 1.38 -39.47 -0.45
C THR B 509 1.21 -40.68 0.47
N HIS B 510 1.79 -40.58 1.67
CA HIS B 510 1.70 -41.63 2.69
C HIS B 510 1.45 -41.02 4.06
N ILE B 511 1.00 -41.84 4.99
CA ILE B 511 0.76 -41.42 6.37
C ILE B 511 1.37 -42.40 7.37
N LEU B 512 2.15 -41.88 8.33
CA LEU B 512 2.52 -42.67 9.50
C LEU B 512 1.65 -42.21 10.68
N ASP B 513 0.86 -43.11 11.22
CA ASP B 513 -0.03 -42.76 12.30
C ASP B 513 0.37 -43.42 13.61
N TYR B 514 0.97 -42.63 14.49
CA TYR B 514 1.41 -43.12 15.79
C TYR B 514 0.23 -43.24 16.74
N GLN B 515 0.03 -44.44 17.25
CA GLN B 515 -1.03 -44.68 18.22
C GLN B 515 -0.38 -45.01 19.56
N ASP B 516 -1.20 -45.26 20.58
CA ASP B 516 -0.69 -45.65 21.89
C ASP B 516 -0.04 -47.03 21.86
N GLU B 517 0.78 -47.30 22.87
CA GLU B 517 1.37 -48.61 23.09
C GLU B 517 2.32 -49.06 21.97
N GLY B 518 2.88 -48.09 21.25
CA GLY B 518 3.90 -48.38 20.26
C GLY B 518 3.39 -48.78 18.88
N LYS B 519 2.07 -48.79 18.72
CA LYS B 519 1.47 -49.09 17.43
C LYS B 519 1.67 -47.94 16.46
N VAL B 520 2.17 -48.24 15.26
CA VAL B 520 2.29 -47.21 14.23
C VAL B 520 1.73 -47.74 12.92
N GLU B 521 0.84 -46.97 12.31
CA GLU B 521 0.19 -47.42 11.08
C GLU B 521 0.73 -46.69 9.85
N PHE B 522 1.01 -47.45 8.81
CA PHE B 522 1.56 -46.98 7.54
C PHE B 522 0.50 -47.14 6.46
N PHE B 523 0.25 -46.07 5.72
CA PHE B 523 -0.88 -46.07 4.79
C PHE B 523 -0.47 -45.25 3.56
N GLU B 524 -1.00 -45.63 2.40
CA GLU B 524 -0.73 -44.91 1.15
C GLU B 524 -1.93 -44.03 0.86
N GLY B 525 -1.71 -42.73 0.79
CA GLY B 525 -2.78 -41.78 0.66
C GLY B 525 -2.55 -40.66 1.64
N ASN B 526 -3.44 -39.68 1.65
CA ASN B 526 -3.28 -38.53 2.54
C ASN B 526 -4.03 -38.71 3.84
N PHE B 527 -4.11 -37.63 4.61
CA PHE B 527 -4.76 -37.66 5.91
C PHE B 527 -6.26 -38.03 5.84
N THR B 528 -7.03 -37.30 5.03
CA THR B 528 -8.47 -37.56 4.89
C THR B 528 -8.77 -39.00 4.43
N GLU B 529 -7.97 -39.49 3.50
CA GLU B 529 -8.09 -40.86 3.02
C GLU B 529 -7.75 -41.85 4.14
N TYR B 530 -6.73 -41.54 4.92
CA TYR B 530 -6.36 -42.40 6.02
C TYR B 530 -7.50 -42.47 7.03
N GLU B 531 -8.05 -41.31 7.37
CA GLU B 531 -9.07 -41.26 8.40
C GLU B 531 -10.31 -42.03 7.98
N GLU B 532 -10.65 -41.94 6.69
CA GLU B 532 -11.82 -42.63 6.16
C GLU B 532 -11.55 -44.11 6.17
N TYR B 533 -10.28 -44.47 6.00
CA TYR B 533 -9.87 -45.85 6.05
C TYR B 533 -9.92 -46.33 7.49
N LYS B 534 -9.37 -45.53 8.39
CA LYS B 534 -9.39 -45.83 9.82
C LYS B 534 -10.82 -46.08 10.30
N LYS B 535 -11.77 -45.27 9.83
CA LYS B 535 -13.16 -45.44 10.23
C LYS B 535 -13.79 -46.68 9.61
N ARG B 536 -13.17 -47.20 8.55
CA ARG B 536 -13.69 -48.36 7.87
C ARG B 536 -13.26 -49.67 8.54
N THR B 537 -12.06 -49.69 9.09
CA THR B 537 -11.51 -50.91 9.69
C THR B 537 -11.66 -50.93 11.21
N LEU B 538 -11.71 -49.76 11.82
CA LEU B 538 -11.77 -49.67 13.27
C LEU B 538 -13.14 -49.20 13.74
N GLY B 539 -13.72 -48.24 13.02
CA GLY B 539 -14.96 -47.62 13.43
C GLY B 539 -14.70 -46.24 13.99
N ALA B 540 -15.76 -45.54 14.39
CA ALA B 540 -15.62 -44.19 14.92
C ALA B 540 -15.19 -44.20 16.38
#